data_5VK3
#
_entry.id   5VK3
#
_cell.length_a   117.594
_cell.length_b   138.004
_cell.length_c   224.366
_cell.angle_alpha   90.00
_cell.angle_beta   90.00
_cell.angle_gamma   90.00
#
_symmetry.space_group_name_H-M   'C 2 2 21'
#
loop_
_entity.id
_entity.type
_entity.pdbx_description
1 polymer 'Polycomb Protein EED'
2 polymer 'Histone-lysine N-methyltransferase EZH2,Polycomb protein SUZ12'
3 non-polymer 'ZINC ION'
4 water water
#
loop_
_entity_poly.entity_id
_entity_poly.type
_entity_poly.pdbx_seq_one_letter_code
_entity_poly.pdbx_strand_id
1 'polypeptide(L)'
;MASAWSHPQFEKGGGSGGGSGGSAWSHPQFEKLEVLFQGPMPASDSAEWELPRLRTSFIFQDDYKYLGDDGSVSQDLAEF
FDVKFYPYSPPGAPPVFAATSKKHAVICRLTQTTDKDANPCEIIQLIRDDGNEANCASCWSKDPITDQPLLCIAGNEGNV
KVYNVTEGKLYRTLVGHGGGINDLATSPANPYIIASASDDTTIRIWSLAPEHEKQPCVCILGGEGHSYDLLSVAFHDNGR
YVLSAGHDQVINLWALPEFPNEHMEIPIVIYYPHFSSSEIHNNLVDCVAFYGDLILSRACHEDTIVLWRIEGFSSDDPIP
GPLDAPTPTDMTKQTRSYFTPTVSPQSRPAMFTRLAQFHTPDCGVQFFMRFRMYHVPGKHPILAFANAKSKTFFWDLARF
GEYARFMADLKEAQQSYNGRVVVVDQGQGISLAQAQQVHGPGVGVVMKPAWLVPKRVKKAPGAAGSGSGTAANGGHNNNN
NNNNNNNNNNHETGSQRSFSATNNLSNSGRDKESASMVSASPDPDSPFGFSRETLQAWADMYDLSNPVGLIKAHRSLAID
GAFVGRQVGWSPEGEWCVVVGNGNRALIYQRWGKERGLGSGTPGA
;
A
2 'polypeptide(L)'
;SNHHHHHHATPKNTEWTVDKIASALSVLAEEVPQNHSRLVNFLLEETEKRAPQPRHLSKTDPFAHMKSKAIDANRPRPEG
VPTMDVKFKQHSGEYGKSRNSGRRFQYPVVCIKPDREPVPPYRFHHAEIRKNILALNSQLNFVPHLRDVDPNSAEEQKYS
AWLMDLENLDSKSGFKIQPRSQKIAKRAQAEYAATLAPYLEPWLRKLNIEGCTKSNLIRFMASQPESDDSMTPQQKSNLL
DTYSDDMGSPQAVRNASMFTEAWDRVFNDQSKLRRVALRDILMLDKNVEPIFDNKRAKDAPGSQKPPDEALMQKVIDALG
SYTTLGCLICFSHDCEHGEIERDNQKRCFSLEEIGGLMPSLRRKWAAQIEQRQKTEGGSANAPPAHPPCRNECYRIHGTG
DPNQQVPPWSENEVGTLEWMFATIGYSQTLRPECFVGAILGRPCWDVHRKLQELDLRLPPVEPRTIPKQKSLPWYDRRKK
QLMSDWADATITHEHAVRELFAPCHHDGPCTAANGCPCASAGTHPVLCERFCLCTAEECPLKFTGCACHSSGKTCLQRQR
EGRPCICVQLNRECDPTLCKGCGARERADPENAYDEVLHSTGCQNVALQRGAAKAVVLGKSQLEACGYGLFAAEDIEEGE
FVIEYTGELISHDEGVRRAHRRGDVFDEENDVSYLFTLLEQEGIWVDAAIYGNLSRYINHATDGNIMPKIMYVNHEWRIK
FTAIKDIKAGEELFFNYGDNFPNLTKKLVERNEQSGAETTPQQPKRANGLVPRGSEVMLPGRGVPKKPLRRPKRRPLLVP
KTTQPLFDPLSKVQLLPGQPLPQHPIDDSWLLLKHRDNLQDFIDLRPEEKEFLQEWDAFILRRHISSEQYLPRYFLRFVR
EKADWLVSKRSRGEEFSKLVATLLARRVLPERVVIEATQVLNDARGRLREQGGVIEG
;
B
#
loop_
_chem_comp.id
_chem_comp.type
_chem_comp.name
_chem_comp.formula
ZN non-polymer 'ZINC ION' 'Zn 2'
#
# COMPACT_ATOMS: atom_id res chain seq x y z
N ALA A 47 29.01 -38.00 -1.96
CA ALA A 47 29.58 -36.67 -1.73
C ALA A 47 28.50 -35.58 -1.74
N GLU A 48 27.44 -35.82 -2.51
CA GLU A 48 26.40 -34.81 -2.67
C GLU A 48 25.60 -34.56 -1.39
N TRP A 49 25.68 -35.46 -0.40
CA TRP A 49 24.94 -35.34 0.86
C TRP A 49 25.75 -34.72 2.00
N GLU A 50 27.00 -34.34 1.74
CA GLU A 50 27.85 -33.81 2.79
C GLU A 50 27.44 -32.38 3.16
N LEU A 51 27.43 -32.09 4.46
CA LEU A 51 27.17 -30.80 5.04
C LEU A 51 28.47 -30.24 5.62
N PRO A 52 28.56 -28.92 5.83
CA PRO A 52 29.84 -28.33 6.24
C PRO A 52 30.23 -28.68 7.67
N ARG A 53 31.51 -28.41 7.97
CA ARG A 53 32.05 -28.44 9.32
C ARG A 53 32.99 -27.25 9.50
N LEU A 54 33.15 -26.81 10.75
CA LEU A 54 34.02 -25.67 11.05
C LEU A 54 35.45 -25.97 10.63
N ARG A 55 36.05 -25.04 9.90
CA ARG A 55 37.41 -25.19 9.41
C ARG A 55 38.33 -24.06 9.85
N THR A 56 37.87 -22.82 9.84
CA THR A 56 38.67 -21.68 10.25
C THR A 56 37.76 -20.66 10.93
N SER A 57 38.30 -19.94 11.90
CA SER A 57 37.57 -18.84 12.51
C SER A 57 38.56 -17.71 12.78
N PHE A 58 38.09 -16.47 12.71
CA PHE A 58 38.99 -15.39 13.09
C PHE A 58 38.23 -14.31 13.85
N ILE A 59 39.00 -13.56 14.63
CA ILE A 59 38.52 -12.37 15.30
C ILE A 59 39.29 -11.18 14.75
N PHE A 60 38.54 -10.19 14.29
CA PHE A 60 39.05 -8.94 13.76
C PHE A 60 39.06 -7.90 14.88
N GLN A 61 40.14 -7.14 14.98
CA GLN A 61 40.30 -6.18 16.06
C GLN A 61 39.06 -5.30 16.24
N ASP A 62 38.68 -5.11 17.51
CA ASP A 62 37.54 -4.26 17.85
C ASP A 62 37.67 -2.85 17.27
N ASP A 63 36.72 -2.46 16.43
CA ASP A 63 36.81 -1.18 15.74
C ASP A 63 35.69 -0.21 16.13
N TYR A 64 35.01 -0.43 17.25
CA TYR A 64 34.00 0.50 17.75
C TYR A 64 34.22 0.82 19.22
N LYS A 65 35.49 1.02 19.60
CA LYS A 65 35.91 1.19 20.99
C LYS A 65 35.67 2.62 21.47
N SER A 74 34.97 0.76 26.07
CA SER A 74 34.36 -0.37 25.38
C SER A 74 35.40 -1.10 24.54
N GLN A 75 35.48 -2.43 24.69
CA GLN A 75 36.59 -3.19 24.10
C GLN A 75 36.17 -4.39 23.28
N ASP A 76 34.91 -4.84 23.33
CA ASP A 76 34.41 -5.77 22.31
C ASP A 76 32.90 -5.74 22.16
N LEU A 77 32.36 -4.61 21.69
CA LEU A 77 30.96 -4.49 21.27
C LEU A 77 30.86 -4.19 19.78
N ALA A 78 31.96 -4.35 19.08
CA ALA A 78 31.98 -4.36 17.63
C ALA A 78 31.39 -5.67 17.15
N GLU A 79 30.76 -5.63 15.98
CA GLU A 79 30.23 -6.83 15.33
C GLU A 79 30.47 -6.73 13.84
N PHE A 80 30.63 -7.90 13.21
CA PHE A 80 30.40 -8.04 11.78
C PHE A 80 28.91 -8.15 11.53
N PHE A 81 28.35 -7.23 10.74
CA PHE A 81 26.92 -7.26 10.47
C PHE A 81 26.56 -7.89 9.13
N ASP A 82 27.52 -8.06 8.22
CA ASP A 82 27.19 -8.57 6.90
C ASP A 82 28.38 -9.30 6.31
N VAL A 83 28.08 -10.29 5.48
CA VAL A 83 29.09 -10.97 4.68
C VAL A 83 28.46 -11.34 3.35
N LYS A 84 29.21 -11.11 2.27
CA LYS A 84 28.74 -11.37 0.90
C LYS A 84 29.90 -11.87 0.05
N PHE A 85 29.71 -13.02 -0.58
CA PHE A 85 30.67 -13.54 -1.55
C PHE A 85 30.50 -12.81 -2.89
N TYR A 86 31.63 -12.53 -3.54
CA TYR A 86 31.59 -11.88 -4.84
C TYR A 86 30.93 -12.82 -5.84
N PRO A 87 29.91 -12.36 -6.58
CA PRO A 87 29.16 -13.26 -7.47
C PRO A 87 29.51 -13.21 -8.96
N TYR A 88 30.50 -12.43 -9.37
CA TYR A 88 30.72 -12.27 -10.81
C TYR A 88 32.07 -12.81 -11.26
N SER A 89 32.63 -13.73 -10.52
CA SER A 89 33.91 -14.29 -10.92
C SER A 89 33.69 -15.46 -11.88
N PRO A 90 34.65 -15.75 -12.74
CA PRO A 90 34.57 -16.94 -13.60
C PRO A 90 34.31 -18.19 -12.80
N PRO A 91 33.63 -19.18 -13.37
CA PRO A 91 33.39 -20.44 -12.65
C PRO A 91 34.70 -21.10 -12.25
N GLY A 92 34.78 -21.49 -10.98
CA GLY A 92 35.98 -22.12 -10.45
C GLY A 92 37.00 -21.17 -9.84
N ALA A 93 36.88 -19.86 -10.06
CA ALA A 93 37.85 -18.93 -9.49
C ALA A 93 37.83 -19.02 -7.96
N PRO A 94 38.96 -18.75 -7.30
CA PRO A 94 38.98 -18.75 -5.82
C PRO A 94 37.91 -17.83 -5.27
N PRO A 95 37.12 -18.28 -4.30
CA PRO A 95 35.99 -17.46 -3.85
C PRO A 95 36.44 -16.37 -2.90
N VAL A 96 35.85 -15.19 -3.08
CA VAL A 96 36.18 -13.98 -2.36
C VAL A 96 34.93 -13.44 -1.69
N PHE A 97 35.03 -13.11 -0.41
CA PHE A 97 33.91 -12.50 0.30
C PHE A 97 34.38 -11.23 0.98
N ALA A 98 33.42 -10.33 1.23
CA ALA A 98 33.63 -9.15 2.05
C ALA A 98 32.82 -9.31 3.32
N ALA A 99 33.47 -9.08 4.46
CA ALA A 99 32.78 -9.00 5.74
C ALA A 99 32.79 -7.56 6.21
N THR A 100 31.63 -7.05 6.61
CA THR A 100 31.45 -5.63 6.89
C THR A 100 31.24 -5.47 8.39
N SER A 101 32.13 -4.73 9.03
CA SER A 101 31.94 -4.39 10.43
C SER A 101 31.39 -2.97 10.48
N LYS A 102 31.29 -2.40 11.67
CA LYS A 102 30.77 -1.04 11.74
C LYS A 102 31.66 -0.06 11.01
N LYS A 103 32.99 -0.28 10.96
CA LYS A 103 33.87 0.70 10.35
C LYS A 103 34.74 0.17 9.24
N HIS A 104 34.76 -1.15 9.00
CA HIS A 104 35.69 -1.75 8.06
C HIS A 104 35.01 -2.74 7.15
N ALA A 105 35.59 -2.90 5.96
CA ALA A 105 35.24 -3.95 5.03
C ALA A 105 36.45 -4.86 4.91
N VAL A 106 36.29 -6.10 5.33
CA VAL A 106 37.39 -7.07 5.35
C VAL A 106 37.19 -8.02 4.17
N ILE A 107 38.10 -8.00 3.21
CA ILE A 107 37.92 -8.75 1.97
C ILE A 107 38.90 -9.93 1.96
N CYS A 108 38.36 -11.14 1.88
CA CYS A 108 39.14 -12.37 2.04
C CYS A 108 38.96 -13.28 0.84
N ARG A 109 40.03 -13.97 0.48
CA ARG A 109 39.98 -15.06 -0.49
C ARG A 109 40.12 -16.36 0.27
N LEU A 110 39.33 -17.36 -0.14
CA LEU A 110 39.42 -18.71 0.43
C LEU A 110 39.99 -19.65 -0.61
N THR A 111 40.96 -20.45 -0.19
CA THR A 111 41.66 -21.41 -1.04
C THR A 111 41.70 -22.73 -0.29
N GLN A 112 41.28 -23.80 -0.94
CA GLN A 112 41.30 -25.09 -0.28
C GLN A 112 42.73 -25.59 -0.16
N THR A 113 43.00 -26.32 0.93
CA THR A 113 44.35 -26.72 1.31
C THR A 113 44.39 -28.19 1.65
N THR A 114 45.49 -28.87 1.27
CA THR A 114 45.71 -30.23 1.72
C THR A 114 46.22 -30.29 3.17
N ASP A 115 46.76 -29.18 3.69
CA ASP A 115 47.33 -29.13 5.03
C ASP A 115 46.26 -28.67 6.01
N LYS A 116 45.81 -29.61 6.86
CA LYS A 116 44.81 -29.35 7.88
C LYS A 116 45.21 -28.23 8.83
N ASP A 117 46.50 -27.98 8.99
CA ASP A 117 46.96 -26.91 9.87
C ASP A 117 47.17 -25.59 9.11
N ALA A 118 47.08 -25.59 7.78
CA ALA A 118 47.24 -24.35 7.03
C ALA A 118 46.00 -23.45 7.19
N ASN A 119 46.16 -22.17 6.80
CA ASN A 119 45.08 -21.18 6.87
C ASN A 119 44.51 -20.97 5.48
N PRO A 120 43.28 -21.42 5.19
CA PRO A 120 42.70 -21.20 3.85
C PRO A 120 42.32 -19.75 3.59
N CYS A 121 42.29 -18.91 4.60
CA CYS A 121 41.72 -17.57 4.50
C CYS A 121 42.84 -16.55 4.46
N GLU A 122 42.93 -15.80 3.36
CA GLU A 122 43.88 -14.69 3.29
C GLU A 122 43.14 -13.38 3.09
N ILE A 123 43.50 -12.39 3.89
CA ILE A 123 42.91 -11.07 3.77
C ILE A 123 43.67 -10.31 2.69
N ILE A 124 42.97 -9.97 1.60
CA ILE A 124 43.60 -9.31 0.46
C ILE A 124 43.27 -7.83 0.39
N GLN A 125 42.31 -7.35 1.18
CA GLN A 125 42.00 -5.92 1.18
C GLN A 125 41.30 -5.59 2.48
N LEU A 126 41.63 -4.43 3.03
CA LEU A 126 41.07 -3.99 4.30
C LEU A 126 40.79 -2.50 4.18
N ILE A 127 39.51 -2.13 4.15
CA ILE A 127 39.09 -0.75 3.92
C ILE A 127 38.41 -0.22 5.16
N ARG A 128 38.77 1.01 5.55
CA ARG A 128 38.13 1.72 6.65
C ARG A 128 37.26 2.84 6.10
N ASP A 129 36.01 2.87 6.54
CA ASP A 129 35.16 4.03 6.28
C ASP A 129 35.68 5.19 7.13
N ASP A 130 36.41 6.11 6.50
CA ASP A 130 37.09 7.19 7.20
C ASP A 130 36.15 8.34 7.52
N GLY A 131 34.84 8.14 7.38
CA GLY A 131 33.85 9.13 7.74
C GLY A 131 33.27 8.88 9.12
N ASN A 132 32.13 9.51 9.38
CA ASN A 132 31.45 9.36 10.67
C ASN A 132 30.40 8.26 10.67
N GLU A 133 30.02 7.73 9.50
CA GLU A 133 28.98 6.71 9.42
C GLU A 133 29.45 5.38 10.02
N ALA A 134 28.56 4.72 10.77
CA ALA A 134 28.72 3.32 11.14
C ALA A 134 27.83 2.45 10.27
N ASN A 135 28.37 1.33 9.78
CA ASN A 135 27.76 0.55 8.71
C ASN A 135 27.24 -0.80 9.17
N CYS A 136 26.36 -1.39 8.35
CA CYS A 136 25.75 -2.67 8.68
C CYS A 136 25.22 -3.43 7.47
N ALA A 137 25.48 -2.93 6.26
CA ALA A 137 24.87 -3.50 5.06
C ALA A 137 25.86 -3.43 3.92
N SER A 138 25.83 -4.43 3.04
CA SER A 138 26.73 -4.45 1.91
C SER A 138 26.09 -5.19 0.73
N CYS A 139 26.60 -4.93 -0.46
CA CYS A 139 26.30 -5.76 -1.62
C CYS A 139 27.38 -5.50 -2.66
N TRP A 140 27.46 -6.39 -3.66
CA TRP A 140 28.47 -6.27 -4.71
C TRP A 140 27.84 -5.78 -6.01
N SER A 141 28.60 -4.97 -6.74
CA SER A 141 28.23 -4.54 -8.09
C SER A 141 29.50 -4.55 -8.93
N LYS A 142 29.45 -3.95 -10.12
CA LYS A 142 30.61 -3.89 -11.01
C LYS A 142 30.64 -2.55 -11.74
N ASP A 143 31.85 -2.08 -12.03
CA ASP A 143 32.01 -0.88 -12.86
C ASP A 143 31.43 -1.15 -14.25
N PRO A 144 30.48 -0.35 -14.74
CA PRO A 144 29.90 -0.65 -16.06
C PRO A 144 30.86 -0.40 -17.22
N ILE A 145 31.92 0.38 -17.03
CA ILE A 145 32.96 0.55 -18.05
C ILE A 145 34.03 -0.50 -17.94
N THR A 146 34.60 -0.68 -16.74
CA THR A 146 35.81 -1.48 -16.57
C THR A 146 35.56 -2.92 -16.12
N ASP A 147 34.38 -3.23 -15.57
CA ASP A 147 34.03 -4.53 -15.00
C ASP A 147 34.77 -4.85 -13.70
N GLN A 148 35.43 -3.86 -13.08
CA GLN A 148 36.05 -4.08 -11.77
C GLN A 148 34.99 -4.24 -10.68
N PRO A 149 35.25 -5.11 -9.70
CA PRO A 149 34.30 -5.29 -8.58
C PRO A 149 34.06 -4.00 -7.83
N LEU A 150 32.80 -3.73 -7.51
CA LEU A 150 32.43 -2.60 -6.67
C LEU A 150 31.71 -3.11 -5.44
N LEU A 151 32.16 -2.68 -4.26
CA LEU A 151 31.53 -3.04 -3.00
C LEU A 151 30.72 -1.86 -2.51
N CYS A 152 29.42 -2.06 -2.30
CA CYS A 152 28.53 -1.04 -1.75
C CYS A 152 28.39 -1.28 -0.26
N ILE A 153 28.50 -0.21 0.52
CA ILE A 153 28.46 -0.25 1.98
C ILE A 153 27.58 0.90 2.46
N ALA A 154 26.70 0.62 3.43
CA ALA A 154 25.76 1.64 3.86
C ALA A 154 25.50 1.52 5.35
N GLY A 155 25.12 2.63 5.96
CA GLY A 155 25.00 2.70 7.39
C GLY A 155 24.12 3.80 7.91
N ASN A 156 24.41 4.23 9.13
CA ASN A 156 23.45 4.97 9.93
C ASN A 156 23.29 6.42 9.50
N GLU A 157 24.09 6.91 8.55
CA GLU A 157 23.89 8.25 8.02
C GLU A 157 22.96 8.27 6.82
N GLY A 158 22.64 7.14 6.21
CA GLY A 158 21.72 7.12 5.10
C GLY A 158 22.37 7.25 3.74
N ASN A 159 23.68 7.04 3.64
CA ASN A 159 24.37 7.04 2.36
C ASN A 159 24.89 5.66 2.02
N VAL A 160 24.87 5.35 0.72
CA VAL A 160 25.57 4.19 0.21
C VAL A 160 26.92 4.66 -0.31
N LYS A 161 28.00 4.09 0.21
CA LYS A 161 29.33 4.31 -0.35
C LYS A 161 29.63 3.17 -1.31
N VAL A 162 30.13 3.49 -2.50
CA VAL A 162 30.51 2.46 -3.46
C VAL A 162 32.03 2.48 -3.60
N TYR A 163 32.68 1.40 -3.18
CA TYR A 163 34.13 1.34 -3.18
C TYR A 163 34.64 0.57 -4.38
N ASN A 164 35.68 1.11 -5.02
CA ASN A 164 36.52 0.37 -5.97
C ASN A 164 37.51 -0.44 -5.14
N VAL A 165 37.22 -1.72 -4.92
CA VAL A 165 37.97 -2.45 -3.90
C VAL A 165 39.36 -2.88 -4.36
N THR A 166 39.56 -3.17 -5.66
CA THR A 166 40.88 -3.60 -6.08
C THR A 166 41.90 -2.46 -6.02
N GLU A 167 41.48 -1.24 -6.34
CA GLU A 167 42.36 -0.08 -6.29
C GLU A 167 42.23 0.68 -4.97
N GLY A 168 41.32 0.28 -4.09
CA GLY A 168 41.19 0.95 -2.82
C GLY A 168 40.82 2.42 -2.90
N LYS A 169 39.79 2.78 -3.65
CA LYS A 169 39.31 4.15 -3.62
C LYS A 169 37.79 4.18 -3.76
N LEU A 170 37.23 5.35 -3.51
CA LEU A 170 35.79 5.57 -3.64
C LEU A 170 35.40 5.64 -5.12
N TYR A 171 34.40 4.85 -5.50
CA TYR A 171 33.82 5.00 -6.83
C TYR A 171 32.79 6.12 -6.83
N ARG A 172 31.87 6.11 -5.88
CA ARG A 172 30.89 7.19 -5.76
C ARG A 172 30.08 7.00 -4.48
N THR A 173 29.22 7.98 -4.20
CA THR A 173 28.29 7.93 -3.07
C THR A 173 26.87 8.06 -3.62
N LEU A 174 25.93 7.31 -3.03
CA LEU A 174 24.52 7.41 -3.38
C LEU A 174 23.79 8.07 -2.21
N VAL A 175 23.26 9.26 -2.45
CA VAL A 175 22.74 10.11 -1.39
C VAL A 175 21.27 10.36 -1.68
N GLY A 176 20.44 10.45 -0.62
CA GLY A 176 19.02 10.69 -0.83
C GLY A 176 18.10 10.12 0.23
N HIS A 177 18.49 9.03 0.87
CA HIS A 177 17.70 8.46 1.96
C HIS A 177 17.60 9.43 3.13
N GLY A 178 16.48 9.34 3.85
CA GLY A 178 16.26 10.23 4.99
C GLY A 178 16.63 9.64 6.33
N GLY A 179 17.22 8.45 6.35
CA GLY A 179 17.62 7.84 7.61
C GLY A 179 18.57 6.70 7.34
N GLY A 180 19.02 6.07 8.42
CA GLY A 180 19.97 4.99 8.28
C GLY A 180 19.46 3.90 7.37
N ILE A 181 20.40 3.25 6.69
CA ILE A 181 20.13 2.15 5.79
C ILE A 181 20.48 0.87 6.52
N ASN A 182 19.56 -0.11 6.48
CA ASN A 182 19.76 -1.36 7.20
C ASN A 182 20.03 -2.55 6.31
N ASP A 183 19.77 -2.44 5.00
CA ASP A 183 20.00 -3.58 4.11
C ASP A 183 20.17 -3.08 2.68
N LEU A 184 20.95 -3.85 1.90
CA LEU A 184 21.24 -3.63 0.49
C LEU A 184 21.13 -4.95 -0.26
N ALA A 185 20.63 -4.89 -1.49
CA ALA A 185 20.62 -6.07 -2.35
C ALA A 185 20.79 -5.66 -3.81
N THR A 186 21.57 -6.44 -4.54
CA THR A 186 21.76 -6.23 -5.98
C THR A 186 20.78 -7.07 -6.77
N SER A 187 20.28 -6.51 -7.87
CA SER A 187 19.38 -7.29 -8.71
C SER A 187 20.15 -8.45 -9.35
N PRO A 188 19.65 -9.68 -9.27
CA PRO A 188 20.27 -10.78 -10.04
C PRO A 188 20.18 -10.63 -11.56
N ALA A 189 19.26 -9.80 -12.07
CA ALA A 189 19.06 -9.62 -13.50
C ALA A 189 19.89 -8.49 -14.09
N ASN A 190 20.42 -7.63 -13.25
CA ASN A 190 21.14 -6.47 -13.72
C ASN A 190 22.09 -6.06 -12.61
N PRO A 191 23.40 -6.31 -12.76
CA PRO A 191 24.33 -6.10 -11.64
C PRO A 191 24.56 -4.64 -11.31
N TYR A 192 24.08 -3.70 -12.13
CA TYR A 192 24.19 -2.27 -11.86
C TYR A 192 23.00 -1.73 -11.08
N ILE A 193 22.03 -2.59 -10.74
CA ILE A 193 20.79 -2.17 -10.09
C ILE A 193 20.86 -2.65 -8.64
N ILE A 194 20.71 -1.73 -7.68
CA ILE A 194 20.83 -2.00 -6.26
CA ILE A 194 20.76 -2.10 -6.28
C ILE A 194 19.62 -1.42 -5.53
N ALA A 195 19.14 -2.12 -4.50
CA ALA A 195 18.05 -1.66 -3.65
C ALA A 195 18.57 -1.44 -2.24
N SER A 196 18.09 -0.39 -1.58
CA SER A 196 18.47 -0.08 -0.21
C SER A 196 17.21 0.09 0.64
N ALA A 197 17.24 -0.42 1.86
CA ALA A 197 16.09 -0.38 2.77
C ALA A 197 16.48 0.50 3.95
N SER A 198 15.61 1.45 4.32
CA SER A 198 16.02 2.50 5.24
C SER A 198 15.07 2.69 6.42
N ASP A 199 15.60 3.30 7.49
CA ASP A 199 14.80 3.85 8.57
C ASP A 199 13.79 4.88 8.07
N ASP A 200 14.03 5.49 6.91
CA ASP A 200 13.04 6.45 6.43
C ASP A 200 11.76 5.78 5.93
N THR A 201 11.72 4.44 5.98
CA THR A 201 10.61 3.52 5.67
C THR A 201 10.44 3.30 4.17
N THR A 202 11.32 3.83 3.34
CA THR A 202 11.23 3.61 1.91
C THR A 202 12.31 2.64 1.44
N ILE A 203 12.09 2.10 0.25
CA ILE A 203 13.14 1.45 -0.53
C ILE A 203 13.50 2.39 -1.66
N ARG A 204 14.79 2.59 -1.89
CA ARG A 204 15.24 3.30 -3.08
C ARG A 204 15.96 2.32 -3.99
N ILE A 205 15.67 2.39 -5.29
CA ILE A 205 16.36 1.58 -6.29
C ILE A 205 17.35 2.46 -7.01
N TRP A 206 18.59 2.01 -7.12
CA TRP A 206 19.64 2.80 -7.73
C TRP A 206 20.17 2.09 -8.97
N SER A 207 20.64 2.88 -9.95
CA SER A 207 21.35 2.35 -11.11
C SER A 207 22.75 2.94 -11.17
N LEU A 208 23.75 2.08 -11.29
CA LEU A 208 25.12 2.55 -11.56
C LEU A 208 25.40 2.65 -13.07
N ALA A 209 24.40 2.46 -13.93
CA ALA A 209 24.63 2.55 -15.36
C ALA A 209 25.03 3.97 -15.75
N PRO A 210 25.91 4.12 -16.74
CA PRO A 210 26.42 5.47 -17.05
C PRO A 210 25.33 6.44 -17.45
N GLU A 211 24.24 5.98 -18.08
CA GLU A 211 23.21 6.96 -18.45
C GLU A 211 22.49 7.55 -17.24
N HIS A 212 22.62 6.96 -16.06
CA HIS A 212 21.93 7.45 -14.88
C HIS A 212 22.86 8.18 -13.92
N GLU A 213 24.11 8.42 -14.35
CA GLU A 213 25.14 8.92 -13.44
C GLU A 213 24.73 10.21 -12.74
N LYS A 214 24.00 11.10 -13.42
CA LYS A 214 23.66 12.40 -12.82
C LYS A 214 22.46 12.32 -11.88
N GLN A 215 21.65 11.28 -11.97
CA GLN A 215 20.50 11.12 -11.09
C GLN A 215 20.26 9.62 -10.94
N PRO A 216 20.98 8.96 -10.02
CA PRO A 216 21.01 7.49 -10.04
C PRO A 216 19.88 6.81 -9.29
N CYS A 217 18.94 7.55 -8.71
CA CYS A 217 17.79 6.90 -8.10
C CYS A 217 16.70 6.75 -9.16
N VAL A 218 16.46 5.50 -9.60
CA VAL A 218 15.47 5.24 -10.65
C VAL A 218 14.09 4.92 -10.10
N CYS A 219 13.97 4.57 -8.81
CA CYS A 219 12.67 4.15 -8.27
C CYS A 219 12.63 4.34 -6.75
N ILE A 220 11.49 4.77 -6.23
CA ILE A 220 11.22 4.84 -4.80
C ILE A 220 9.96 4.04 -4.51
N LEU A 221 10.05 3.10 -3.57
CA LEU A 221 8.90 2.33 -3.12
C LEU A 221 8.40 3.05 -1.86
N GLY A 222 7.29 3.77 -2.00
CA GLY A 222 6.80 4.68 -0.97
C GLY A 222 5.33 4.48 -0.67
N GLY A 223 4.51 5.53 -0.66
CA GLY A 223 3.12 5.33 -0.27
C GLY A 223 3.00 4.95 1.20
N GLU A 224 1.98 4.15 1.52
CA GLU A 224 1.67 3.79 2.90
C GLU A 224 1.91 2.31 3.21
N GLY A 225 2.54 1.57 2.29
CA GLY A 225 2.73 0.14 2.50
C GLY A 225 3.56 -0.18 3.73
N HIS A 226 4.55 0.66 4.04
CA HIS A 226 5.35 0.47 5.24
C HIS A 226 5.23 1.71 6.12
N SER A 227 5.23 1.50 7.43
CA SER A 227 5.09 2.66 8.31
C SER A 227 6.19 2.80 9.35
N TYR A 228 7.19 1.92 9.38
CA TYR A 228 8.31 2.12 10.31
C TYR A 228 9.57 1.53 9.67
N ASP A 229 10.70 1.64 10.41
CA ASP A 229 12.03 1.29 9.89
C ASP A 229 12.06 -0.05 9.16
N LEU A 230 12.68 -0.07 7.98
CA LEU A 230 12.79 -1.30 7.19
C LEU A 230 14.08 -2.01 7.51
N LEU A 231 14.03 -3.33 7.61
CA LEU A 231 15.21 -4.08 7.98
C LEU A 231 15.73 -5.00 6.89
N SER A 232 14.91 -5.35 5.92
CA SER A 232 15.32 -6.36 4.94
C SER A 232 14.73 -6.01 3.58
N VAL A 233 15.54 -6.19 2.54
CA VAL A 233 15.11 -6.03 1.15
C VAL A 233 15.73 -7.14 0.31
N ALA A 234 14.94 -7.69 -0.61
CA ALA A 234 15.40 -8.83 -1.41
C ALA A 234 14.77 -8.78 -2.80
N PHE A 235 15.55 -9.23 -3.80
CA PHE A 235 15.13 -9.32 -5.20
C PHE A 235 14.71 -10.73 -5.57
N HIS A 236 13.65 -10.85 -6.38
CA HIS A 236 13.42 -12.10 -7.10
C HIS A 236 14.54 -12.33 -8.12
N ASP A 237 14.71 -13.59 -8.55
CA ASP A 237 15.73 -13.88 -9.55
C ASP A 237 15.47 -13.13 -10.87
N ASN A 238 14.22 -12.88 -11.21
CA ASN A 238 13.94 -12.14 -12.44
C ASN A 238 14.18 -10.64 -12.30
N GLY A 239 14.60 -10.17 -11.13
CA GLY A 239 14.97 -8.76 -10.98
C GLY A 239 13.82 -7.78 -11.01
N ARG A 240 12.58 -8.25 -11.05
CA ARG A 240 11.40 -7.39 -11.19
C ARG A 240 10.52 -7.37 -9.96
N TYR A 241 10.63 -8.37 -9.09
CA TYR A 241 9.88 -8.42 -7.85
C TYR A 241 10.82 -8.17 -6.70
N VAL A 242 10.38 -7.33 -5.75
CA VAL A 242 11.15 -6.96 -4.59
C VAL A 242 10.33 -7.27 -3.34
N LEU A 243 10.95 -7.91 -2.35
CA LEU A 243 10.40 -8.09 -1.02
C LEU A 243 11.03 -7.10 -0.04
N SER A 244 10.21 -6.53 0.84
CA SER A 244 10.67 -5.62 1.89
C SER A 244 9.95 -5.93 3.20
N ALA A 245 10.63 -5.67 4.32
CA ALA A 245 10.04 -5.97 5.60
C ALA A 245 10.78 -5.22 6.70
N GLY A 246 10.09 -5.04 7.84
CA GLY A 246 10.78 -4.50 9.00
C GLY A 246 9.97 -4.42 10.27
N HIS A 247 10.17 -3.31 11.01
CA HIS A 247 9.62 -3.16 12.35
C HIS A 247 8.10 -3.07 12.35
N ASP A 248 7.48 -2.64 11.25
CA ASP A 248 6.01 -2.58 11.24
C ASP A 248 5.37 -3.94 11.06
N GLN A 249 6.17 -5.01 10.94
CA GLN A 249 5.71 -6.40 10.81
C GLN A 249 5.02 -6.68 9.49
N VAL A 250 5.20 -5.81 8.50
CA VAL A 250 4.60 -6.00 7.18
C VAL A 250 5.65 -6.57 6.24
N ILE A 251 5.25 -7.58 5.46
CA ILE A 251 6.03 -8.05 4.33
C ILE A 251 5.31 -7.60 3.06
N ASN A 252 6.01 -6.86 2.22
CA ASN A 252 5.45 -6.30 0.99
C ASN A 252 6.20 -6.90 -0.20
N LEU A 253 5.47 -7.23 -1.26
CA LEU A 253 6.07 -7.67 -2.52
C LEU A 253 5.73 -6.60 -3.55
N TRP A 254 6.75 -6.05 -4.19
CA TRP A 254 6.59 -4.97 -5.14
C TRP A 254 7.01 -5.42 -6.54
N ALA A 255 6.36 -4.85 -7.56
CA ALA A 255 6.70 -5.12 -8.96
C ALA A 255 7.32 -3.86 -9.55
N LEU A 256 8.56 -3.98 -10.02
CA LEU A 256 9.28 -2.84 -10.58
C LEU A 256 8.98 -2.67 -12.06
N PRO A 257 8.79 -1.44 -12.53
CA PRO A 257 8.69 -1.23 -13.97
C PRO A 257 10.05 -1.42 -14.62
N GLU A 258 10.05 -1.41 -15.95
CA GLU A 258 11.31 -1.32 -16.67
C GLU A 258 11.79 0.12 -16.61
N PHE A 259 13.09 0.30 -16.45
CA PHE A 259 13.62 1.65 -16.33
C PHE A 259 14.25 2.07 -17.64
N PRO A 260 13.97 3.27 -18.14
CA PRO A 260 14.58 3.71 -19.39
C PRO A 260 16.10 3.71 -19.29
N ASN A 261 16.77 3.38 -20.39
CA ASN A 261 18.22 3.55 -20.45
C ASN A 261 18.58 4.97 -20.88
N GLU A 262 17.98 5.94 -20.20
CA GLU A 262 18.39 7.31 -20.39
C GLU A 262 18.25 8.03 -19.06
N HIS A 263 18.68 9.28 -19.05
CA HIS A 263 18.62 10.10 -17.85
C HIS A 263 17.19 10.20 -17.35
N MET A 264 17.01 10.03 -16.06
CA MET A 264 15.72 10.13 -15.40
C MET A 264 15.79 11.31 -14.46
N GLU A 265 15.05 12.37 -14.79
CA GLU A 265 15.14 13.56 -13.94
C GLU A 265 14.59 13.26 -12.55
N ILE A 266 13.55 12.44 -12.43
CA ILE A 266 13.01 12.01 -11.14
C ILE A 266 12.91 10.49 -11.11
N PRO A 267 13.02 9.86 -9.94
CA PRO A 267 12.73 8.42 -9.86
C PRO A 267 11.25 8.19 -10.17
N ILE A 268 10.96 6.99 -10.66
CA ILE A 268 9.58 6.52 -10.66
C ILE A 268 9.18 6.18 -9.23
N VAL A 269 8.00 6.65 -8.81
CA VAL A 269 7.52 6.40 -7.46
C VAL A 269 6.44 5.35 -7.50
N ILE A 270 6.57 4.31 -6.69
CA ILE A 270 5.57 3.25 -6.60
C ILE A 270 4.86 3.43 -5.28
N TYR A 271 3.52 3.51 -5.33
CA TYR A 271 2.74 3.82 -4.14
C TYR A 271 2.12 2.59 -3.49
N TYR A 272 2.05 1.45 -4.20
CA TYR A 272 1.25 0.30 -3.71
C TYR A 272 2.01 -0.97 -4.01
N PRO A 273 2.27 -1.81 -3.01
CA PRO A 273 2.80 -3.14 -3.29
C PRO A 273 1.71 -4.00 -3.91
N HIS A 274 2.14 -5.02 -4.67
CA HIS A 274 1.15 -5.92 -5.25
C HIS A 274 0.73 -7.05 -4.30
N PHE A 275 1.50 -7.30 -3.23
CA PHE A 275 1.08 -8.16 -2.14
C PHE A 275 1.58 -7.51 -0.86
N SER A 276 0.75 -7.56 0.18
CA SER A 276 1.12 -6.96 1.46
C SER A 276 0.48 -7.79 2.56
N SER A 277 1.26 -8.15 3.58
CA SER A 277 0.64 -8.85 4.70
C SER A 277 1.42 -8.61 5.98
N SER A 278 0.71 -8.35 7.06
CA SER A 278 1.30 -8.34 8.39
C SER A 278 0.94 -9.58 9.20
N GLU A 279 0.41 -10.63 8.55
CA GLU A 279 -0.16 -11.75 9.26
C GLU A 279 0.68 -13.03 9.23
N ILE A 280 1.78 -13.07 8.46
CA ILE A 280 2.60 -14.30 8.47
C ILE A 280 3.35 -14.42 9.79
N HIS A 281 3.79 -13.30 10.34
CA HIS A 281 4.46 -13.24 11.63
C HIS A 281 3.64 -12.39 12.58
N ASN A 282 3.98 -12.51 13.86
CA ASN A 282 3.35 -11.74 14.92
C ASN A 282 4.33 -10.77 15.57
N ASN A 283 5.46 -10.51 14.92
CA ASN A 283 6.52 -9.67 15.48
C ASN A 283 7.25 -9.00 14.34
N LEU A 284 8.18 -8.11 14.69
CA LEU A 284 8.99 -7.43 13.68
C LEU A 284 9.68 -8.47 12.80
N VAL A 285 9.75 -8.19 11.51
CA VAL A 285 10.34 -9.10 10.54
C VAL A 285 11.72 -8.57 10.17
N ASP A 286 12.77 -9.37 10.35
CA ASP A 286 14.10 -8.85 10.08
C ASP A 286 14.86 -9.55 8.95
N CYS A 287 14.25 -10.52 8.26
CA CYS A 287 14.94 -11.15 7.12
C CYS A 287 13.89 -11.78 6.21
N VAL A 288 13.92 -11.41 4.91
CA VAL A 288 13.04 -12.00 3.91
C VAL A 288 13.85 -12.35 2.67
N ALA A 289 13.37 -13.35 1.93
CA ALA A 289 14.03 -13.75 0.69
C ALA A 289 13.04 -14.56 -0.12
N PHE A 290 13.22 -14.53 -1.44
CA PHE A 290 12.62 -15.52 -2.31
C PHE A 290 13.43 -16.79 -2.30
N TYR A 291 12.74 -17.92 -2.36
CA TYR A 291 13.35 -19.20 -2.67
C TYR A 291 12.60 -19.70 -3.91
N GLY A 292 13.14 -19.42 -5.09
CA GLY A 292 12.37 -19.60 -6.31
C GLY A 292 11.23 -18.61 -6.34
N ASP A 293 10.00 -19.10 -6.37
CA ASP A 293 8.82 -18.27 -6.19
C ASP A 293 8.27 -18.34 -4.77
N LEU A 294 8.77 -19.25 -3.94
CA LEU A 294 8.38 -19.32 -2.54
C LEU A 294 9.02 -18.19 -1.75
N ILE A 295 8.55 -17.98 -0.51
CA ILE A 295 9.11 -16.94 0.37
C ILE A 295 9.66 -17.59 1.62
N LEU A 296 10.82 -17.10 2.07
CA LEU A 296 11.38 -17.42 3.38
C LEU A 296 11.45 -16.12 4.20
N SER A 297 11.08 -16.20 5.48
CA SER A 297 11.15 -15.00 6.30
C SER A 297 11.22 -15.40 7.75
N ARG A 298 11.79 -14.50 8.57
CA ARG A 298 11.85 -14.73 10.02
C ARG A 298 11.52 -13.45 10.77
N ALA A 299 10.95 -13.62 11.96
CA ALA A 299 10.60 -12.52 12.83
C ALA A 299 11.22 -12.72 14.22
N CYS A 300 11.35 -11.61 14.95
CA CYS A 300 11.83 -11.64 16.32
C CYS A 300 10.86 -12.43 17.21
N HIS A 301 11.40 -13.09 18.24
CA HIS A 301 10.65 -13.82 19.27
C HIS A 301 9.99 -15.11 18.81
N GLU A 302 10.25 -15.59 17.60
CA GLU A 302 9.53 -16.75 17.10
C GLU A 302 10.39 -18.01 16.92
N ASP A 303 11.73 -17.87 16.86
CA ASP A 303 12.63 -19.03 16.77
C ASP A 303 12.34 -19.92 15.57
N THR A 304 11.85 -19.34 14.48
CA THR A 304 11.59 -20.09 13.26
C THR A 304 12.01 -19.27 12.06
N ILE A 305 12.32 -19.98 10.98
CA ILE A 305 12.30 -19.42 9.63
C ILE A 305 11.10 -20.02 8.94
N VAL A 306 10.19 -19.17 8.45
CA VAL A 306 8.94 -19.65 7.87
C VAL A 306 9.07 -19.75 6.36
N LEU A 307 8.72 -20.91 5.81
CA LEU A 307 8.56 -21.09 4.36
C LEU A 307 7.07 -20.98 4.04
N TRP A 308 6.72 -20.13 3.06
CA TRP A 308 5.32 -19.94 2.72
C TRP A 308 5.22 -19.49 1.27
N ARG A 309 3.99 -19.35 0.77
CA ARG A 309 3.82 -18.89 -0.60
C ARG A 309 2.64 -17.94 -0.72
N ILE A 310 2.72 -17.07 -1.71
CA ILE A 310 1.62 -16.20 -2.08
C ILE A 310 0.74 -16.94 -3.06
N GLU A 311 -0.53 -17.09 -2.72
CA GLU A 311 -1.43 -17.84 -3.59
C GLU A 311 -1.56 -17.15 -4.93
N GLY A 312 -1.35 -17.88 -6.02
CA GLY A 312 -1.50 -17.31 -7.34
C GLY A 312 -0.27 -16.60 -7.88
N PHE A 313 0.81 -16.54 -7.11
CA PHE A 313 2.01 -15.84 -7.58
C PHE A 313 2.89 -16.81 -8.37
N SER A 314 3.21 -16.45 -9.61
CA SER A 314 4.15 -17.23 -10.38
C SER A 314 5.01 -16.31 -11.23
N SER A 315 6.33 -16.51 -11.21
CA SER A 315 7.19 -15.67 -12.02
C SER A 315 7.14 -16.03 -13.50
N ASP A 316 6.37 -17.04 -13.89
CA ASP A 316 6.14 -17.30 -15.32
C ASP A 316 5.09 -16.38 -15.92
N ASP A 317 4.19 -15.83 -15.10
CA ASP A 317 3.14 -14.93 -15.56
C ASP A 317 3.73 -13.56 -15.92
N PRO A 318 3.01 -12.76 -16.70
CA PRO A 318 3.47 -11.39 -16.97
C PRO A 318 3.55 -10.55 -15.70
N ILE A 319 4.52 -9.66 -15.67
CA ILE A 319 4.68 -8.74 -14.53
C ILE A 319 3.51 -7.77 -14.51
N PRO A 320 2.77 -7.63 -13.42
CA PRO A 320 1.71 -6.62 -13.38
C PRO A 320 2.29 -5.20 -13.37
N GLY A 321 1.51 -4.28 -13.91
CA GLY A 321 1.86 -2.88 -13.91
C GLY A 321 1.40 -2.22 -12.63
N PRO A 322 1.88 -1.01 -12.34
CA PRO A 322 1.61 -0.42 -11.02
C PRO A 322 0.14 -0.12 -10.76
N LEU A 323 -0.68 0.04 -11.79
CA LEU A 323 -2.09 0.28 -11.59
C LEU A 323 -2.92 -1.00 -11.46
N ASP A 324 -2.28 -2.17 -11.45
CA ASP A 324 -2.96 -3.41 -11.09
C ASP A 324 -2.89 -3.72 -9.59
N ALA A 325 -2.08 -2.98 -8.84
CA ALA A 325 -1.90 -3.28 -7.43
C ALA A 325 -3.20 -3.08 -6.64
N PRO A 326 -3.39 -3.82 -5.56
CA PRO A 326 -4.53 -3.56 -4.68
C PRO A 326 -4.31 -2.29 -3.87
N THR A 327 -5.42 -1.68 -3.47
CA THR A 327 -5.34 -0.49 -2.64
C THR A 327 -6.08 -0.74 -1.32
N PRO A 328 -5.66 -0.12 -0.21
CA PRO A 328 -6.29 -0.43 1.09
C PRO A 328 -7.65 0.24 1.26
N THR A 329 -8.65 -0.31 0.58
CA THR A 329 -10.01 0.23 0.66
C THR A 329 -10.70 -0.18 1.96
N ASP A 330 -10.30 -1.29 2.54
CA ASP A 330 -10.83 -1.79 3.81
C ASP A 330 -9.68 -1.78 4.81
N MET A 331 -9.77 -0.90 5.80
CA MET A 331 -8.66 -0.73 6.72
C MET A 331 -8.59 -1.82 7.79
N THR A 332 -9.55 -2.75 7.82
CA THR A 332 -9.45 -3.86 8.74
C THR A 332 -8.72 -5.07 8.14
N LYS A 333 -8.44 -5.05 6.84
CA LYS A 333 -7.77 -6.17 6.17
C LYS A 333 -6.26 -6.01 6.31
N GLN A 334 -5.62 -7.01 6.93
CA GLN A 334 -4.18 -6.93 7.09
C GLN A 334 -3.43 -7.74 6.04
N THR A 335 -4.14 -8.32 5.07
CA THR A 335 -3.51 -8.96 3.93
C THR A 335 -4.27 -8.52 2.69
N ARG A 336 -3.54 -8.16 1.64
CA ARG A 336 -4.18 -7.88 0.37
CA ARG A 336 -4.17 -7.84 0.37
C ARG A 336 -3.24 -8.31 -0.75
N SER A 337 -3.82 -8.63 -1.90
CA SER A 337 -3.03 -9.27 -2.94
C SER A 337 -3.67 -9.06 -4.31
N TYR A 338 -2.84 -8.66 -5.27
CA TYR A 338 -3.21 -8.69 -6.67
C TYR A 338 -3.33 -10.12 -7.21
N PHE A 339 -2.56 -11.06 -6.63
CA PHE A 339 -2.32 -12.35 -7.27
C PHE A 339 -3.41 -13.39 -7.03
N THR A 340 -4.31 -13.18 -6.08
CA THR A 340 -5.22 -14.24 -5.64
C THR A 340 -5.94 -14.87 -6.83
N PRO A 341 -5.97 -16.21 -6.92
CA PRO A 341 -6.53 -17.00 -8.03
C PRO A 341 -8.07 -17.05 -8.06
N SER A 347 -16.07 -20.57 -1.31
CA SER A 347 -15.36 -20.27 -0.05
C SER A 347 -14.23 -19.26 -0.28
N ARG A 348 -14.07 -18.36 0.67
CA ARG A 348 -13.11 -17.27 0.53
C ARG A 348 -11.68 -17.79 0.50
N PRO A 349 -10.87 -17.40 -0.49
CA PRO A 349 -9.52 -17.95 -0.60
C PRO A 349 -8.55 -17.27 0.36
N ALA A 350 -7.68 -18.08 0.97
CA ALA A 350 -6.51 -17.52 1.63
C ALA A 350 -5.60 -16.90 0.59
N MET A 351 -4.97 -15.80 0.94
CA MET A 351 -4.06 -15.13 0.03
C MET A 351 -2.62 -15.62 0.18
N PHE A 352 -2.34 -16.39 1.23
CA PHE A 352 -1.03 -17.00 1.40
C PHE A 352 -1.23 -18.34 2.09
N THR A 353 -0.23 -19.21 1.97
CA THR A 353 -0.22 -20.49 2.67
C THR A 353 1.10 -20.67 3.38
N ARG A 354 1.05 -20.86 4.70
CA ARG A 354 2.22 -21.32 5.44
C ARG A 354 2.55 -22.74 5.01
N LEU A 355 3.81 -22.99 4.67
CA LEU A 355 4.21 -24.31 4.20
C LEU A 355 5.02 -25.08 5.23
N ALA A 356 6.04 -24.46 5.81
CA ALA A 356 6.92 -25.16 6.73
C ALA A 356 7.59 -24.14 7.63
N GLN A 357 8.08 -24.61 8.78
CA GLN A 357 8.83 -23.76 9.71
C GLN A 357 10.09 -24.48 10.11
N PHE A 358 11.24 -23.89 9.80
CA PHE A 358 12.53 -24.37 10.25
C PHE A 358 12.76 -23.88 11.67
N HIS A 359 13.01 -24.80 12.60
CA HIS A 359 13.21 -24.45 14.00
C HIS A 359 14.61 -23.89 14.22
N THR A 360 14.68 -22.65 14.71
CA THR A 360 15.94 -21.99 15.09
C THR A 360 15.84 -21.61 16.56
N PRO A 361 16.04 -22.55 17.48
CA PRO A 361 15.93 -22.24 18.91
C PRO A 361 16.99 -21.28 19.38
N ASP A 362 16.64 -20.55 20.45
CA ASP A 362 17.56 -19.69 21.20
C ASP A 362 18.04 -18.48 20.38
N CYS A 363 17.09 -17.81 19.73
CA CYS A 363 17.31 -16.45 19.24
C CYS A 363 16.87 -15.41 20.26
N GLY A 364 16.11 -15.82 21.28
CA GLY A 364 15.78 -14.92 22.38
C GLY A 364 15.02 -13.71 21.86
N VAL A 365 15.40 -12.52 22.35
CA VAL A 365 14.81 -11.28 21.86
C VAL A 365 15.66 -10.63 20.78
N GLN A 366 16.74 -11.28 20.35
CA GLN A 366 17.62 -10.68 19.35
C GLN A 366 16.91 -10.54 18.02
N PHE A 367 17.25 -9.47 17.30
CA PHE A 367 16.77 -9.29 15.94
C PHE A 367 17.91 -8.71 15.13
N PHE A 368 17.68 -8.59 13.83
CA PHE A 368 18.73 -8.36 12.84
C PHE A 368 19.67 -9.56 12.81
N MET A 369 19.08 -10.69 12.44
CA MET A 369 19.78 -11.97 12.30
C MET A 369 19.30 -12.54 10.99
N ARG A 370 20.22 -12.85 10.07
CA ARG A 370 19.82 -13.20 8.71
C ARG A 370 20.27 -14.61 8.36
N PHE A 371 19.45 -15.31 7.58
CA PHE A 371 19.72 -16.66 7.09
C PHE A 371 20.15 -16.57 5.62
N ARG A 372 20.67 -17.67 5.09
CA ARG A 372 21.04 -17.65 3.68
C ARG A 372 20.86 -19.03 3.06
N MET A 373 20.16 -19.08 1.92
CA MET A 373 19.99 -20.30 1.15
C MET A 373 21.09 -20.40 0.09
N TYR A 374 21.68 -21.60 -0.04
CA TYR A 374 22.53 -21.94 -1.16
C TYR A 374 21.69 -22.65 -2.23
N HIS A 375 21.61 -22.06 -3.41
CA HIS A 375 20.64 -22.51 -4.41
C HIS A 375 21.27 -22.38 -5.80
N VAL A 376 21.87 -23.46 -6.28
CA VAL A 376 22.56 -23.46 -7.58
C VAL A 376 22.19 -24.72 -8.33
N PRO A 377 22.16 -24.63 -9.67
CA PRO A 377 21.72 -25.78 -10.47
C PRO A 377 22.61 -26.98 -10.22
N GLY A 378 21.99 -28.14 -10.03
CA GLY A 378 22.74 -29.37 -9.91
C GLY A 378 23.31 -29.65 -8.54
N LYS A 379 23.02 -28.83 -7.55
CA LYS A 379 23.50 -29.06 -6.19
C LYS A 379 22.33 -29.00 -5.23
N HIS A 380 22.48 -29.65 -4.09
CA HIS A 380 21.41 -29.63 -3.10
C HIS A 380 21.20 -28.22 -2.56
N PRO A 381 19.95 -27.81 -2.35
CA PRO A 381 19.70 -26.50 -1.71
C PRO A 381 19.93 -26.63 -0.20
N ILE A 382 20.74 -25.73 0.36
CA ILE A 382 21.11 -25.76 1.77
C ILE A 382 20.70 -24.45 2.41
N LEU A 383 19.94 -24.55 3.50
CA LEU A 383 19.59 -23.39 4.33
C LEU A 383 20.52 -23.34 5.54
N ALA A 384 21.15 -22.20 5.77
CA ALA A 384 22.01 -22.02 6.92
C ALA A 384 21.62 -20.78 7.72
N PHE A 385 21.77 -20.85 9.03
CA PHE A 385 21.41 -19.78 9.95
C PHE A 385 22.09 -20.01 11.29
N ALA A 386 22.60 -18.93 11.88
CA ALA A 386 23.20 -18.99 13.21
C ALA A 386 22.33 -18.23 14.19
N ASN A 387 22.15 -18.78 15.40
CA ASN A 387 21.24 -18.22 16.38
C ASN A 387 21.98 -17.27 17.31
N ALA A 388 21.34 -16.91 18.43
CA ALA A 388 21.91 -15.99 19.40
C ALA A 388 22.63 -16.70 20.55
N LYS A 389 22.87 -18.00 20.41
CA LYS A 389 23.43 -18.78 21.52
C LYS A 389 24.40 -19.80 20.95
N SER A 390 25.33 -19.33 20.11
CA SER A 390 26.52 -20.09 19.74
C SER A 390 26.16 -21.41 19.04
N LYS A 391 25.23 -21.34 18.09
CA LYS A 391 24.93 -22.50 17.26
C LYS A 391 24.77 -22.05 15.82
N THR A 392 25.27 -22.86 14.90
CA THR A 392 25.01 -22.72 13.47
C THR A 392 24.18 -23.91 13.00
N PHE A 393 23.13 -23.65 12.24
CA PHE A 393 22.17 -24.64 11.78
C PHE A 393 22.23 -24.80 10.27
N PHE A 394 22.09 -26.05 9.81
CA PHE A 394 21.95 -26.34 8.38
C PHE A 394 20.75 -27.25 8.14
N TRP A 395 20.03 -27.02 7.05
CA TRP A 395 19.07 -27.98 6.51
C TRP A 395 19.41 -28.21 5.06
N ASP A 396 19.45 -29.48 4.67
CA ASP A 396 19.58 -29.88 3.26
C ASP A 396 18.18 -30.14 2.77
N LEU A 397 17.68 -29.28 1.89
CA LEU A 397 16.29 -29.41 1.44
C LEU A 397 16.07 -30.65 0.57
N ALA A 398 17.13 -31.25 0.04
CA ALA A 398 16.94 -32.50 -0.70
C ALA A 398 16.68 -33.69 0.21
N ARG A 399 17.03 -33.60 1.50
CA ARG A 399 16.75 -34.70 2.41
C ARG A 399 15.24 -34.92 2.58
N PHE A 400 14.43 -33.86 2.46
CA PHE A 400 12.99 -34.04 2.73
C PHE A 400 12.37 -35.00 1.72
N GLY A 401 12.71 -34.84 0.45
CA GLY A 401 12.16 -35.73 -0.57
C GLY A 401 12.66 -37.15 -0.46
N GLU A 402 13.95 -37.31 -0.13
CA GLU A 402 14.50 -38.65 0.00
C GLU A 402 13.91 -39.37 1.21
N TYR A 403 13.73 -38.64 2.30
CA TYR A 403 13.05 -39.22 3.46
C TYR A 403 11.64 -39.67 3.08
N ALA A 404 10.88 -38.79 2.41
CA ALA A 404 9.51 -39.13 2.04
C ALA A 404 9.46 -40.35 1.10
N ARG A 405 10.38 -40.42 0.14
CA ARG A 405 10.48 -41.60 -0.71
C ARG A 405 10.75 -42.85 0.12
N PHE A 406 11.70 -42.75 1.05
CA PHE A 406 12.06 -43.90 1.86
C PHE A 406 10.87 -44.38 2.69
N MET A 407 10.20 -43.46 3.39
CA MET A 407 9.05 -43.85 4.20
C MET A 407 7.94 -44.46 3.36
N ALA A 408 7.78 -43.99 2.11
CA ALA A 408 6.75 -44.55 1.24
C ALA A 408 7.14 -45.94 0.77
N ASP A 409 8.41 -46.12 0.35
CA ASP A 409 8.92 -47.45 0.03
C ASP A 409 8.82 -48.38 1.23
N LEU A 410 9.11 -47.86 2.42
CA LEU A 410 9.08 -48.67 3.63
C LEU A 410 7.66 -49.14 3.93
N LYS A 411 6.72 -48.19 3.99
CA LYS A 411 5.32 -48.55 4.21
C LYS A 411 4.82 -49.48 3.12
N GLU A 412 5.15 -49.21 1.86
CA GLU A 412 4.72 -50.06 0.76
C GLU A 412 5.16 -51.50 0.96
N ALA A 413 6.42 -51.71 1.34
CA ALA A 413 6.92 -53.08 1.50
C ALA A 413 6.37 -53.76 2.75
N GLN A 414 5.96 -52.99 3.76
CA GLN A 414 5.37 -53.60 4.95
C GLN A 414 4.02 -54.25 4.65
N GLN A 415 3.27 -53.72 3.67
CA GLN A 415 1.99 -54.31 3.31
C GLN A 415 2.16 -55.53 2.42
N SER A 416 2.81 -55.35 1.28
CA SER A 416 2.98 -56.43 0.33
C SER A 416 3.98 -57.54 0.81
N TYR A 417 4.46 -57.51 2.05
CA TYR A 417 5.26 -58.61 2.61
C TYR A 417 4.90 -58.83 4.07
N ASN A 418 3.67 -58.50 4.46
CA ASN A 418 3.08 -58.73 5.78
C ASN A 418 3.95 -58.27 6.95
N GLY A 419 4.96 -57.42 6.72
CA GLY A 419 5.90 -57.06 7.77
C GLY A 419 7.30 -57.61 7.59
N ARG A 420 7.47 -58.59 6.69
CA ARG A 420 8.76 -59.25 6.47
C ARG A 420 9.55 -58.42 5.48
N VAL A 421 10.28 -57.42 6.01
CA VAL A 421 11.03 -56.49 5.19
C VAL A 421 12.41 -56.24 5.77
N VAL A 422 13.37 -56.06 4.88
CA VAL A 422 14.77 -55.86 5.23
C VAL A 422 15.22 -54.48 4.72
N VAL A 423 15.86 -53.71 5.59
CA VAL A 423 16.37 -52.39 5.23
C VAL A 423 17.89 -52.45 5.10
N VAL A 424 18.41 -51.96 3.98
CA VAL A 424 19.84 -51.93 3.75
C VAL A 424 20.26 -50.52 3.36
N ASP A 425 21.42 -50.09 3.86
CA ASP A 425 21.91 -48.73 3.62
C ASP A 425 22.37 -48.55 2.17
N GLN A 426 21.97 -47.43 1.57
CA GLN A 426 22.56 -47.03 0.31
C GLN A 426 24.02 -46.61 0.55
N GLY A 427 24.74 -46.37 -0.54
CA GLY A 427 26.12 -45.94 -0.41
C GLY A 427 27.05 -47.00 0.14
N GLN A 428 26.83 -48.26 -0.23
CA GLN A 428 27.82 -49.32 -0.05
C GLN A 428 27.98 -49.97 -1.41
N GLY A 429 28.54 -51.17 -1.44
CA GLY A 429 28.58 -51.86 -2.71
C GLY A 429 27.26 -52.48 -3.11
N ILE A 430 26.20 -52.25 -2.34
CA ILE A 430 24.99 -53.05 -2.39
C ILE A 430 23.89 -52.30 -3.13
N SER A 431 23.08 -53.05 -3.88
CA SER A 431 22.05 -52.46 -4.71
C SER A 431 20.71 -53.16 -4.47
N LEU A 432 19.65 -52.48 -4.91
CA LEU A 432 18.32 -53.09 -4.97
C LEU A 432 18.31 -54.17 -6.05
N ALA A 433 19.04 -55.26 -5.81
CA ALA A 433 19.27 -56.32 -6.78
C ALA A 433 20.20 -57.32 -6.13
N GLN A 434 21.42 -56.88 -5.81
CA GLN A 434 22.33 -57.70 -5.03
C GLN A 434 21.76 -57.98 -3.64
N ALA A 435 20.91 -57.10 -3.12
CA ALA A 435 20.24 -57.35 -1.86
C ALA A 435 19.00 -58.22 -2.03
N GLN A 436 18.39 -58.20 -3.20
CA GLN A 436 17.28 -59.10 -3.48
C GLN A 436 17.77 -60.51 -3.81
N GLN A 437 19.02 -60.65 -4.21
CA GLN A 437 19.62 -61.96 -4.45
C GLN A 437 19.93 -62.71 -3.17
N VAL A 438 20.04 -62.02 -2.04
CA VAL A 438 20.41 -62.69 -0.82
C VAL A 438 19.22 -63.38 -0.19
N HIS A 439 18.00 -62.88 -0.41
CA HIS A 439 16.82 -63.53 0.17
C HIS A 439 15.75 -63.90 -0.85
N GLY A 440 15.82 -63.40 -2.08
CA GLY A 440 14.86 -63.76 -3.09
C GLY A 440 13.47 -63.25 -2.81
N PRO A 441 12.52 -63.58 -3.72
CA PRO A 441 11.16 -63.01 -3.63
C PRO A 441 10.41 -63.21 -2.31
N GLY A 442 11.02 -63.85 -1.31
CA GLY A 442 10.32 -64.04 -0.05
C GLY A 442 10.32 -62.81 0.83
N VAL A 443 11.24 -61.89 0.60
CA VAL A 443 11.45 -60.76 1.49
C VAL A 443 11.31 -59.48 0.68
N GLY A 444 10.97 -58.39 1.37
CA GLY A 444 10.96 -57.07 0.78
C GLY A 444 12.16 -56.27 1.25
N VAL A 445 12.95 -55.79 0.30
CA VAL A 445 14.17 -55.04 0.59
C VAL A 445 13.95 -53.57 0.28
N VAL A 446 14.18 -52.70 1.27
CA VAL A 446 13.99 -51.26 1.16
C VAL A 446 15.32 -50.58 1.41
N MET A 447 15.70 -49.67 0.52
CA MET A 447 16.98 -48.98 0.62
C MET A 447 16.84 -47.71 1.45
N LYS A 448 17.70 -47.57 2.47
CA LYS A 448 17.61 -46.40 3.34
C LYS A 448 18.79 -45.47 3.12
N PRO A 449 18.54 -44.16 3.04
CA PRO A 449 19.66 -43.20 2.99
C PRO A 449 20.59 -43.37 4.19
N ALA A 450 21.90 -43.34 3.91
CA ALA A 450 22.90 -43.53 4.95
C ALA A 450 22.79 -42.48 6.07
N TRP A 451 22.39 -41.25 5.74
CA TRP A 451 22.34 -40.21 6.77
C TRP A 451 21.13 -40.37 7.68
N LEU A 452 20.27 -41.36 7.43
CA LEU A 452 19.17 -41.69 8.32
C LEU A 452 19.68 -42.69 9.35
N VAL A 453 20.12 -42.17 10.50
CA VAL A 453 20.76 -42.98 11.54
C VAL A 453 19.80 -43.20 12.70
N PRO A 454 19.75 -44.40 13.30
CA PRO A 454 18.88 -44.62 14.46
C PRO A 454 19.43 -44.03 15.75
N LYS A 455 18.85 -44.41 16.89
CA LYS A 455 19.28 -43.89 18.19
C LYS A 455 19.61 -45.00 19.20
N GLY A 529 13.27 -53.33 11.85
CA GLY A 529 12.33 -52.61 12.70
C GLY A 529 12.97 -51.49 13.51
N PHE A 530 12.50 -50.27 13.29
CA PHE A 530 13.01 -49.10 13.99
C PHE A 530 12.13 -48.76 15.18
N SER A 531 12.75 -48.24 16.23
CA SER A 531 12.02 -47.89 17.44
C SER A 531 11.27 -46.56 17.27
N ARG A 532 10.30 -46.34 18.15
CA ARG A 532 9.52 -45.11 18.11
C ARG A 532 10.42 -43.89 18.21
N GLU A 533 11.40 -43.92 19.12
CA GLU A 533 12.31 -42.80 19.28
C GLU A 533 13.05 -42.52 17.98
N THR A 534 13.50 -43.56 17.29
CA THR A 534 14.17 -43.37 16.01
C THR A 534 13.23 -42.76 14.99
N LEU A 535 12.00 -43.27 14.89
CA LEU A 535 11.05 -42.70 13.94
C LEU A 535 10.73 -41.26 14.28
N GLN A 536 10.64 -40.93 15.57
CA GLN A 536 10.27 -39.58 15.98
C GLN A 536 11.42 -38.61 15.73
N ALA A 537 12.65 -39.05 15.96
CA ALA A 537 13.79 -38.20 15.62
C ALA A 537 13.82 -37.92 14.13
N TRP A 538 13.55 -38.94 13.31
CA TRP A 538 13.55 -38.73 11.86
C TRP A 538 12.46 -37.76 11.44
N ALA A 539 11.25 -37.92 11.99
CA ALA A 539 10.14 -37.05 11.62
C ALA A 539 10.41 -35.61 12.05
N ASP A 540 11.00 -35.43 13.23
CA ASP A 540 11.35 -34.09 13.70
C ASP A 540 12.26 -33.34 12.72
N MET A 541 13.10 -34.07 11.97
CA MET A 541 14.02 -33.45 11.04
C MET A 541 13.50 -33.37 9.60
N TYR A 542 12.63 -34.30 9.18
CA TYR A 542 12.32 -34.46 7.77
C TYR A 542 10.85 -34.53 7.43
N ASP A 543 9.95 -34.58 8.40
CA ASP A 543 8.53 -34.66 8.08
C ASP A 543 7.97 -33.27 7.77
N LEU A 544 7.31 -33.14 6.61
CA LEU A 544 6.81 -31.86 6.12
C LEU A 544 5.29 -31.73 6.21
N SER A 545 4.65 -32.58 7.01
CA SER A 545 3.21 -32.70 6.97
C SER A 545 2.49 -31.64 7.80
N ASN A 546 3.18 -30.93 8.69
CA ASN A 546 2.56 -29.94 9.57
C ASN A 546 3.10 -28.52 9.33
N PRO A 547 2.29 -27.60 8.80
CA PRO A 547 2.79 -26.23 8.53
C PRO A 547 3.18 -25.46 9.77
N VAL A 548 2.61 -25.78 10.93
CA VAL A 548 2.99 -25.14 12.19
C VAL A 548 3.82 -26.06 13.06
N GLY A 549 4.33 -27.16 12.51
CA GLY A 549 5.37 -27.90 13.20
C GLY A 549 6.68 -27.14 13.20
N LEU A 550 7.70 -27.78 13.77
CA LEU A 550 9.05 -27.25 13.92
C LEU A 550 10.02 -28.28 13.37
N ILE A 551 10.76 -27.92 12.31
CA ILE A 551 11.67 -28.84 11.66
C ILE A 551 13.04 -28.67 12.31
N LYS A 552 13.50 -29.71 12.98
CA LYS A 552 14.80 -29.69 13.63
C LYS A 552 15.91 -29.58 12.57
N ALA A 553 16.95 -28.81 12.88
CA ALA A 553 18.09 -28.66 11.98
C ALA A 553 18.71 -30.01 11.64
N HIS A 554 19.16 -30.16 10.39
CA HIS A 554 19.75 -31.43 9.99
C HIS A 554 21.17 -31.57 10.50
N ARG A 555 21.85 -30.44 10.72
CA ARG A 555 23.12 -30.40 11.42
C ARG A 555 23.16 -29.15 12.27
N SER A 556 23.66 -29.30 13.48
CA SER A 556 23.70 -28.21 14.45
C SER A 556 25.11 -28.19 15.04
N LEU A 557 25.86 -27.13 14.77
CA LEU A 557 27.27 -27.04 15.14
C LEU A 557 27.46 -26.00 16.23
N ALA A 558 28.10 -26.40 17.32
CA ALA A 558 28.31 -25.49 18.44
C ALA A 558 29.50 -24.58 18.17
N ILE A 559 29.37 -23.33 18.59
CA ILE A 559 30.40 -22.31 18.41
C ILE A 559 31.04 -22.06 19.76
N ASP A 560 32.37 -21.90 19.76
CA ASP A 560 33.06 -21.64 21.02
C ASP A 560 32.82 -20.20 21.49
N GLY A 561 32.59 -20.04 22.79
CA GLY A 561 32.27 -18.74 23.37
C GLY A 561 30.86 -18.28 23.04
N ALA A 562 30.50 -17.12 23.59
CA ALA A 562 29.17 -16.54 23.35
C ALA A 562 29.17 -15.84 21.99
N PHE A 563 28.23 -16.21 21.13
CA PHE A 563 28.20 -15.74 19.76
C PHE A 563 26.76 -15.52 19.31
N VAL A 564 26.53 -14.40 18.63
CA VAL A 564 25.24 -14.09 17.99
C VAL A 564 25.48 -13.92 16.48
N GLY A 565 24.84 -14.76 15.68
CA GLY A 565 24.97 -14.65 14.23
C GLY A 565 24.19 -13.46 13.66
N ARG A 566 24.83 -12.73 12.76
CA ARG A 566 24.21 -11.64 12.03
C ARG A 566 23.95 -11.97 10.57
N GLN A 567 24.85 -12.71 9.91
CA GLN A 567 24.67 -12.96 8.49
C GLN A 567 25.41 -14.24 8.11
N VAL A 568 24.93 -14.89 7.06
CA VAL A 568 25.56 -16.09 6.49
C VAL A 568 25.78 -15.86 5.00
N GLY A 569 26.91 -16.34 4.48
CA GLY A 569 27.15 -16.30 3.05
C GLY A 569 27.73 -17.61 2.56
N TRP A 570 27.43 -17.93 1.29
CA TRP A 570 27.92 -19.15 0.67
C TRP A 570 28.83 -18.80 -0.52
N SER A 571 29.90 -19.58 -0.67
CA SER A 571 30.74 -19.46 -1.86
C SER A 571 29.97 -19.98 -3.07
N PRO A 572 30.35 -19.56 -4.27
CA PRO A 572 29.59 -19.97 -5.47
C PRO A 572 29.45 -21.48 -5.65
N GLU A 573 30.47 -22.26 -5.33
CA GLU A 573 30.39 -23.70 -5.50
C GLU A 573 29.98 -24.41 -4.22
N GLY A 574 29.55 -23.66 -3.21
CA GLY A 574 28.96 -24.23 -2.02
C GLY A 574 29.91 -24.93 -1.08
N GLU A 575 31.21 -24.92 -1.37
CA GLU A 575 32.15 -25.60 -0.49
C GLU A 575 32.49 -24.79 0.76
N TRP A 576 32.18 -23.49 0.78
CA TRP A 576 32.46 -22.63 1.91
C TRP A 576 31.17 -21.96 2.37
N CYS A 577 31.00 -21.88 3.68
CA CYS A 577 29.88 -21.17 4.28
C CYS A 577 30.45 -20.35 5.42
N VAL A 578 30.25 -19.03 5.36
CA VAL A 578 30.85 -18.10 6.30
C VAL A 578 29.72 -17.48 7.13
N VAL A 579 29.84 -17.58 8.46
CA VAL A 579 28.92 -16.96 9.39
C VAL A 579 29.67 -15.85 10.11
N VAL A 580 29.08 -14.66 10.19
CA VAL A 580 29.70 -13.55 10.90
C VAL A 580 28.73 -13.02 11.94
N GLY A 581 29.30 -12.41 12.97
CA GLY A 581 28.51 -11.87 14.06
C GLY A 581 29.31 -11.07 15.07
N ASN A 582 28.85 -11.08 16.32
CA ASN A 582 29.38 -10.18 17.34
C ASN A 582 30.78 -10.59 17.77
N GLY A 583 31.43 -9.68 18.48
CA GLY A 583 32.86 -9.82 18.75
C GLY A 583 33.73 -9.74 17.51
N ASN A 584 33.23 -9.13 16.42
CA ASN A 584 33.91 -9.11 15.11
C ASN A 584 34.44 -10.49 14.76
N ARG A 585 33.59 -11.50 14.90
CA ARG A 585 34.00 -12.88 14.66
C ARG A 585 33.45 -13.39 13.35
N ALA A 586 34.29 -14.10 12.60
CA ALA A 586 33.87 -14.82 11.41
C ALA A 586 34.12 -16.31 11.64
N LEU A 587 33.12 -17.13 11.33
CA LEU A 587 33.22 -18.58 11.41
C LEU A 587 33.15 -19.14 10.01
N ILE A 588 34.13 -19.94 9.62
CA ILE A 588 34.28 -20.38 8.24
C ILE A 588 34.12 -21.89 8.18
N TYR A 589 33.04 -22.33 7.54
CA TYR A 589 32.71 -23.74 7.41
C TYR A 589 33.05 -24.26 6.02
N GLN A 590 33.44 -25.53 5.95
CA GLN A 590 33.88 -26.14 4.71
C GLN A 590 33.26 -27.52 4.54
N ARG A 591 33.03 -27.90 3.29
CA ARG A 591 32.79 -29.27 2.91
C ARG A 591 33.55 -29.53 1.62
N TRP A 592 33.65 -30.82 1.25
CA TRP A 592 34.37 -31.25 0.06
C TRP A 592 35.82 -30.79 0.14
N GLY A 593 36.39 -30.88 1.34
CA GLY A 593 37.73 -30.36 1.57
C GLY A 593 38.80 -31.27 0.98
N LYS A 594 40.02 -30.75 0.97
CA LYS A 594 41.15 -31.45 0.38
C LYS A 594 42.19 -31.90 1.41
N GLU A 595 41.91 -31.75 2.70
CA GLU A 595 42.91 -32.03 3.73
C GLU A 595 43.31 -33.51 3.72
N ARG A 596 44.57 -33.79 4.13
CA ARG A 596 45.16 -35.11 3.92
C ARG A 596 45.98 -35.64 5.10
N GLY A 597 45.87 -35.06 6.29
CA GLY A 597 46.39 -35.72 7.48
C GLY A 597 47.57 -35.08 8.19
N LEU A 598 47.33 -33.94 8.85
CA LEU A 598 48.32 -33.18 9.62
C LEU A 598 49.43 -32.60 8.73
N GLY A 599 49.90 -31.41 9.08
CA GLY A 599 50.96 -30.75 8.34
C GLY A 599 51.69 -29.72 9.19
N SER A 600 51.78 -30.00 10.49
CA SER A 600 52.51 -29.15 11.42
C SER A 600 52.85 -29.93 12.70
N THR B 14 -26.63 -46.20 7.97
CA THR B 14 -27.34 -44.94 7.83
C THR B 14 -28.10 -44.59 9.11
N GLU B 15 -27.63 -45.10 10.24
CA GLU B 15 -28.17 -44.73 11.55
C GLU B 15 -27.05 -44.01 12.32
N TRP B 16 -26.93 -42.72 12.03
CA TRP B 16 -25.78 -41.94 12.45
C TRP B 16 -25.95 -41.42 13.86
N THR B 17 -24.82 -41.33 14.56
CA THR B 17 -24.71 -40.66 15.85
C THR B 17 -23.58 -39.64 15.76
N VAL B 18 -23.48 -38.78 16.78
CA VAL B 18 -22.33 -37.88 16.87
C VAL B 18 -21.03 -38.68 16.90
N ASP B 19 -21.02 -39.75 17.69
CA ASP B 19 -19.82 -40.60 17.79
C ASP B 19 -19.38 -41.12 16.43
N LYS B 20 -20.35 -41.62 15.66
CA LYS B 20 -20.03 -42.24 14.37
C LYS B 20 -19.58 -41.21 13.35
N ILE B 21 -20.21 -40.03 13.35
CA ILE B 21 -19.77 -38.97 12.45
C ILE B 21 -18.37 -38.50 12.84
N ALA B 22 -18.16 -38.27 14.14
CA ALA B 22 -16.86 -37.80 14.61
C ALA B 22 -15.76 -38.80 14.27
N SER B 23 -16.03 -40.10 14.46
CA SER B 23 -15.03 -41.10 14.11
C SER B 23 -14.75 -41.06 12.61
N ALA B 24 -15.80 -40.88 11.80
CA ALA B 24 -15.61 -40.84 10.36
C ALA B 24 -14.84 -39.57 9.94
N LEU B 25 -15.13 -38.42 10.58
CA LEU B 25 -14.39 -37.20 10.28
C LEU B 25 -12.92 -37.35 10.66
N SER B 26 -12.63 -38.01 11.79
CA SER B 26 -11.23 -38.19 12.20
C SER B 26 -10.44 -38.94 11.15
N VAL B 27 -11.07 -39.93 10.52
CA VAL B 27 -10.37 -40.73 9.51
C VAL B 27 -10.18 -39.93 8.23
N LEU B 28 -11.21 -39.20 7.81
CA LEU B 28 -11.06 -38.34 6.63
C LEU B 28 -10.02 -37.26 6.87
N ALA B 29 -9.89 -36.79 8.11
CA ALA B 29 -8.97 -35.72 8.43
C ALA B 29 -7.51 -36.13 8.21
N GLU B 30 -7.24 -37.44 8.16
CA GLU B 30 -5.88 -37.93 8.00
C GLU B 30 -5.28 -37.51 6.66
N GLU B 31 -6.11 -37.24 5.66
CA GLU B 31 -5.52 -36.83 4.39
C GLU B 31 -4.99 -35.39 4.42
N VAL B 32 -5.32 -34.59 5.43
CA VAL B 32 -4.87 -33.20 5.44
C VAL B 32 -3.35 -33.13 5.60
N PRO B 33 -2.72 -33.75 6.62
CA PRO B 33 -1.25 -33.70 6.67
C PRO B 33 -0.60 -34.47 5.53
N GLN B 34 -1.26 -35.50 4.99
CA GLN B 34 -0.71 -36.23 3.85
C GLN B 34 -0.69 -35.37 2.59
N ASN B 35 -1.80 -34.66 2.32
CA ASN B 35 -1.78 -33.71 1.20
C ASN B 35 -0.76 -32.61 1.42
N HIS B 36 -0.61 -32.15 2.66
CA HIS B 36 0.30 -31.03 2.90
C HIS B 36 1.74 -31.45 2.62
N SER B 37 2.14 -32.61 3.14
CA SER B 37 3.49 -33.12 2.88
C SER B 37 3.75 -33.30 1.40
N ARG B 38 2.77 -33.81 0.65
CA ARG B 38 2.91 -33.92 -0.80
C ARG B 38 3.06 -32.55 -1.45
N LEU B 39 2.25 -31.58 -1.03
CA LEU B 39 2.35 -30.25 -1.62
C LEU B 39 3.73 -29.64 -1.37
N VAL B 40 4.20 -29.65 -0.12
CA VAL B 40 5.48 -28.99 0.18
C VAL B 40 6.62 -29.68 -0.56
N ASN B 41 6.62 -31.01 -0.57
CA ASN B 41 7.68 -31.72 -1.27
C ASN B 41 7.65 -31.45 -2.77
N PHE B 42 6.45 -31.40 -3.34
CA PHE B 42 6.30 -31.00 -4.74
C PHE B 42 6.89 -29.61 -5.00
N LEU B 43 6.46 -28.62 -4.21
CA LEU B 43 6.99 -27.27 -4.40
C LEU B 43 8.50 -27.23 -4.23
N LEU B 44 9.04 -27.95 -3.24
CA LEU B 44 10.49 -27.95 -3.05
C LEU B 44 11.20 -28.55 -4.25
N GLU B 45 10.65 -29.64 -4.79
CA GLU B 45 11.28 -30.30 -5.92
C GLU B 45 11.24 -29.40 -7.16
N GLU B 46 10.09 -28.76 -7.41
CA GLU B 46 9.99 -27.79 -8.50
C GLU B 46 11.02 -26.66 -8.34
N THR B 47 11.17 -26.13 -7.12
CA THR B 47 12.08 -25.01 -6.90
C THR B 47 13.53 -25.43 -7.06
N GLU B 48 13.87 -26.64 -6.60
CA GLU B 48 15.22 -27.16 -6.81
C GLU B 48 15.57 -27.20 -8.29
N LYS B 49 14.62 -27.62 -9.13
CA LYS B 49 14.86 -27.74 -10.57
C LYS B 49 15.06 -26.38 -11.24
N ARG B 50 14.47 -25.33 -10.68
CA ARG B 50 14.49 -24.01 -11.29
C ARG B 50 15.58 -23.11 -10.72
N ALA B 51 16.63 -23.68 -10.12
CA ALA B 51 17.72 -22.86 -9.61
C ALA B 51 18.35 -22.07 -10.75
N PRO B 52 18.65 -20.80 -10.54
CA PRO B 52 19.14 -19.96 -11.64
C PRO B 52 20.62 -20.15 -11.89
N GLN B 53 21.01 -20.01 -13.15
CA GLN B 53 22.43 -19.96 -13.47
C GLN B 53 22.98 -18.59 -13.07
N PRO B 54 24.21 -18.53 -12.56
CA PRO B 54 24.81 -17.22 -12.25
C PRO B 54 25.00 -16.42 -13.54
N ARG B 55 24.69 -15.14 -13.48
CA ARG B 55 24.73 -14.28 -14.64
C ARG B 55 25.81 -13.20 -14.50
N HIS B 56 26.08 -12.52 -15.62
CA HIS B 56 27.01 -11.41 -15.68
C HIS B 56 28.39 -11.77 -15.14
N LEU B 57 28.82 -13.01 -15.36
CA LEU B 57 30.13 -13.41 -14.91
C LEU B 57 31.21 -12.71 -15.74
N SER B 58 32.31 -12.33 -15.09
CA SER B 58 33.44 -11.76 -15.79
C SER B 58 34.25 -12.87 -16.44
N LYS B 59 34.96 -12.51 -17.50
CA LYS B 59 35.79 -13.51 -18.18
C LYS B 59 37.01 -13.91 -17.35
N THR B 60 37.56 -13.00 -16.57
CA THR B 60 38.74 -13.29 -15.77
C THR B 60 38.46 -13.00 -14.29
N ASP B 61 39.28 -13.58 -13.43
CA ASP B 61 39.18 -13.38 -11.99
C ASP B 61 39.72 -11.99 -11.61
N PRO B 62 38.87 -11.05 -11.20
CA PRO B 62 39.36 -9.69 -10.94
C PRO B 62 40.27 -9.57 -9.73
N PHE B 63 40.29 -10.58 -8.86
CA PHE B 63 41.09 -10.54 -7.65
C PHE B 63 42.41 -11.29 -7.79
N ALA B 64 42.65 -11.92 -8.95
CA ALA B 64 43.77 -12.84 -9.09
C ALA B 64 45.11 -12.17 -8.76
N HIS B 65 45.28 -10.91 -9.15
CA HIS B 65 46.56 -10.24 -8.92
C HIS B 65 46.78 -9.85 -7.46
N MET B 66 45.77 -9.92 -6.60
CA MET B 66 45.86 -9.36 -5.26
C MET B 66 46.36 -10.39 -4.26
N LYS B 67 47.42 -10.04 -3.55
CA LYS B 67 48.04 -10.95 -2.60
C LYS B 67 47.62 -10.60 -1.18
N SER B 68 47.86 -11.53 -0.26
CA SER B 68 47.64 -11.30 1.16
C SER B 68 48.34 -10.03 1.61
N LYS B 69 47.64 -9.20 2.37
CA LYS B 69 48.23 -7.98 2.87
C LYS B 69 48.84 -8.15 4.25
N ALA B 70 48.99 -9.38 4.72
CA ALA B 70 49.58 -9.63 6.03
C ALA B 70 50.98 -9.05 6.08
N ILE B 71 51.31 -8.38 7.18
CA ILE B 71 52.62 -7.73 7.29
C ILE B 71 53.66 -8.75 7.71
N ASP B 72 54.82 -8.72 7.05
CA ASP B 72 55.92 -9.65 7.32
C ASP B 72 56.35 -9.63 8.78
N GLU B 79 55.20 1.98 7.34
CA GLU B 79 55.54 2.99 8.33
C GLU B 79 54.62 4.21 8.26
N GLY B 80 54.00 4.54 9.40
CA GLY B 80 53.01 5.59 9.43
C GLY B 80 51.64 5.19 8.93
N VAL B 81 51.46 3.95 8.50
CA VAL B 81 50.18 3.49 7.96
C VAL B 81 49.35 2.89 9.09
N PRO B 82 48.07 3.27 9.20
CA PRO B 82 47.20 2.60 10.19
C PRO B 82 47.14 1.10 9.96
N THR B 83 47.00 0.38 11.07
CA THR B 83 47.15 -1.07 11.12
C THR B 83 46.10 -1.68 12.05
N MET B 84 45.59 -2.88 11.69
CA MET B 84 44.64 -3.63 12.50
C MET B 84 45.08 -5.09 12.64
N ASP B 85 44.73 -5.70 13.78
CA ASP B 85 44.99 -7.10 14.07
C ASP B 85 43.84 -8.03 13.68
N VAL B 86 44.22 -9.24 13.24
CA VAL B 86 43.31 -10.35 13.04
C VAL B 86 43.97 -11.59 13.61
N LYS B 87 43.24 -12.32 14.46
CA LYS B 87 43.72 -13.60 15.00
C LYS B 87 42.93 -14.72 14.33
N PHE B 88 43.64 -15.65 13.70
CA PHE B 88 43.05 -16.82 13.07
C PHE B 88 43.18 -18.07 13.93
N LYS B 89 42.21 -18.96 13.81
CA LYS B 89 42.26 -20.30 14.40
C LYS B 89 41.88 -21.32 13.35
N GLN B 90 42.54 -22.48 13.38
CA GLN B 90 42.18 -23.58 12.52
C GLN B 90 41.48 -24.65 13.33
N HIS B 91 40.52 -25.32 12.69
CA HIS B 91 39.65 -26.30 13.33
C HIS B 91 39.61 -27.56 12.47
N SER B 92 39.30 -28.69 13.10
CA SER B 92 39.10 -29.91 12.33
C SER B 92 38.28 -30.91 13.15
N GLY B 93 37.88 -31.98 12.48
CA GLY B 93 37.05 -32.99 13.11
C GLY B 93 35.57 -32.67 12.97
N GLU B 94 34.75 -33.44 13.67
CA GLU B 94 33.31 -33.19 13.66
C GLU B 94 32.90 -32.19 14.74
N TYR B 95 33.74 -31.99 15.74
CA TYR B 95 33.47 -31.15 16.89
C TYR B 95 33.97 -29.72 16.74
N GLY B 96 34.81 -29.44 15.75
CA GLY B 96 35.36 -28.11 15.62
C GLY B 96 36.49 -27.79 16.57
N LYS B 97 37.23 -28.80 17.02
CA LYS B 97 38.34 -28.53 17.92
C LYS B 97 39.41 -27.71 17.20
N SER B 98 39.92 -26.70 17.89
CA SER B 98 41.02 -25.92 17.34
C SER B 98 42.31 -26.72 17.39
N ARG B 99 43.16 -26.51 16.39
CA ARG B 99 44.46 -27.18 16.36
C ARG B 99 45.47 -26.49 17.27
N ASN B 100 45.21 -25.25 17.68
CA ASN B 100 46.04 -24.52 18.63
C ASN B 100 45.27 -23.28 19.07
N SER B 101 45.92 -22.42 19.84
CA SER B 101 45.29 -21.25 20.41
C SER B 101 45.20 -20.07 19.46
N GLY B 102 45.78 -20.16 18.28
CA GLY B 102 45.57 -19.10 17.32
C GLY B 102 46.84 -18.32 17.01
N ARG B 103 46.90 -17.80 15.78
CA ARG B 103 48.01 -17.00 15.29
C ARG B 103 47.50 -15.63 14.86
N ARG B 104 48.11 -14.58 15.39
CA ARG B 104 47.68 -13.20 15.16
C ARG B 104 48.54 -12.52 14.11
N PHE B 105 47.91 -11.70 13.27
CA PHE B 105 48.60 -10.98 12.20
C PHE B 105 48.14 -9.53 12.17
N GLN B 106 48.95 -8.69 11.52
CA GLN B 106 48.71 -7.26 11.39
C GLN B 106 48.54 -6.88 9.92
N TYR B 107 47.56 -6.02 9.65
CA TYR B 107 47.22 -5.65 8.28
C TYR B 107 47.17 -4.14 8.14
N PRO B 108 47.68 -3.60 7.04
CA PRO B 108 47.51 -2.17 6.76
C PRO B 108 46.10 -1.85 6.31
N VAL B 109 45.68 -0.63 6.58
CA VAL B 109 44.30 -0.21 6.38
C VAL B 109 44.28 0.86 5.30
N VAL B 110 43.40 0.69 4.30
CA VAL B 110 43.13 1.74 3.31
C VAL B 110 41.95 2.58 3.80
N CYS B 111 42.21 3.84 4.12
CA CYS B 111 41.19 4.74 4.66
C CYS B 111 40.55 5.53 3.52
N ILE B 112 39.22 5.44 3.40
CA ILE B 112 38.49 6.08 2.32
C ILE B 112 37.39 6.95 2.91
N LYS B 113 37.38 8.23 2.54
CA LYS B 113 36.36 9.18 2.94
C LYS B 113 35.24 9.23 1.92
N PRO B 114 34.01 9.47 2.34
CA PRO B 114 32.95 9.75 1.39
C PRO B 114 33.10 11.17 0.85
N ASP B 115 32.56 11.38 -0.36
CA ASP B 115 32.64 12.67 -1.03
C ASP B 115 31.36 13.49 -0.89
N ARG B 116 30.39 13.03 -0.09
CA ARG B 116 29.08 13.67 -0.06
C ARG B 116 28.46 13.52 1.32
N GLU B 117 27.78 14.55 1.77
CA GLU B 117 27.02 14.48 3.00
C GLU B 117 25.63 13.93 2.72
N PRO B 118 24.98 13.33 3.71
CA PRO B 118 23.59 12.90 3.52
C PRO B 118 22.70 14.14 3.39
N VAL B 119 21.52 13.94 2.83
CA VAL B 119 20.50 14.99 2.83
C VAL B 119 19.95 15.08 4.25
N PRO B 120 19.29 16.20 4.60
CA PRO B 120 18.68 16.29 5.93
C PRO B 120 17.66 15.19 6.14
N PRO B 121 17.48 14.76 7.38
CA PRO B 121 16.68 13.54 7.63
C PRO B 121 15.19 13.78 7.42
N TYR B 122 14.47 12.68 7.20
CA TYR B 122 13.03 12.72 7.02
C TYR B 122 12.50 11.30 7.20
N ARG B 123 11.18 11.20 7.37
CA ARG B 123 10.52 9.90 7.38
C ARG B 123 9.40 9.93 6.34
N PHE B 124 9.22 8.78 5.67
CA PHE B 124 8.20 8.51 4.66
C PHE B 124 8.60 9.12 3.34
N HIS B 125 8.01 8.63 2.27
CA HIS B 125 8.16 9.26 0.97
C HIS B 125 7.13 10.38 0.86
N HIS B 126 7.60 11.62 0.69
CA HIS B 126 6.70 12.79 0.69
C HIS B 126 6.19 13.00 -0.73
N ALA B 127 4.88 12.91 -0.90
CA ALA B 127 4.31 13.05 -2.22
C ALA B 127 3.36 14.25 -2.24
N GLU B 128 3.29 14.89 -3.41
CA GLU B 128 2.54 16.11 -3.55
C GLU B 128 1.09 15.81 -3.91
N ILE B 129 0.15 16.51 -3.26
CA ILE B 129 -1.25 16.46 -3.65
C ILE B 129 -1.70 17.86 -4.02
N ARG B 130 -2.54 17.94 -5.05
CA ARG B 130 -3.04 19.23 -5.50
C ARG B 130 -4.02 19.83 -4.48
N LYS B 131 -4.84 18.99 -3.86
CA LYS B 131 -5.81 19.41 -2.85
C LYS B 131 -5.83 18.41 -1.71
N ASN B 132 -6.31 18.87 -0.54
CA ASN B 132 -6.50 18.00 0.62
C ASN B 132 -7.22 16.73 0.23
N ILE B 133 -6.80 15.60 0.82
CA ILE B 133 -7.44 14.31 0.60
C ILE B 133 -7.99 13.81 1.93
N LEU B 134 -9.01 12.97 1.84
CA LEU B 134 -9.75 12.52 3.02
C LEU B 134 -9.26 11.14 3.42
N ALA B 135 -8.73 11.03 4.63
CA ALA B 135 -8.18 9.75 5.08
C ALA B 135 -9.27 8.87 5.69
N LEU B 136 -9.09 7.57 5.57
CA LEU B 136 -9.86 6.61 6.36
C LEU B 136 -9.22 6.46 7.73
N ASN B 137 -10.04 6.06 8.71
CA ASN B 137 -9.46 5.72 10.01
C ASN B 137 -8.66 4.43 9.91
N SER B 138 -7.51 4.41 10.55
CA SER B 138 -6.63 3.27 10.53
C SER B 138 -6.68 2.53 11.86
N GLN B 139 -6.23 1.28 11.85
CA GLN B 139 -6.09 0.52 13.08
C GLN B 139 -4.68 0.66 13.63
N LEU B 140 -4.56 0.54 14.94
CA LEU B 140 -3.26 0.40 15.58
C LEU B 140 -2.94 -1.09 15.68
N ASN B 141 -2.08 -1.58 14.78
CA ASN B 141 -1.58 -2.96 14.83
C ASN B 141 -0.13 -3.02 15.32
N PHE B 142 0.51 -1.88 15.53
CA PHE B 142 1.93 -1.83 15.84
C PHE B 142 2.26 -0.48 16.48
N VAL B 143 3.12 -0.51 17.49
CA VAL B 143 3.60 0.71 18.12
C VAL B 143 5.11 0.56 18.39
N PRO B 144 5.94 1.55 18.02
CA PRO B 144 7.39 1.47 18.21
C PRO B 144 7.82 1.16 19.64
N PRO B 179 -6.20 -7.09 22.35
CA PRO B 179 -5.25 -7.87 23.17
C PRO B 179 -4.38 -8.81 22.33
N ARG B 180 -3.06 -8.74 22.53
CA ARG B 180 -2.13 -9.50 21.70
C ARG B 180 -2.48 -10.99 21.68
N SER B 181 -2.78 -11.56 22.85
CA SER B 181 -2.99 -13.01 22.92
C SER B 181 -4.13 -13.45 22.01
N GLN B 182 -5.13 -12.58 21.80
CA GLN B 182 -6.27 -12.90 20.97
C GLN B 182 -6.05 -12.63 19.48
N LYS B 183 -5.26 -11.61 19.14
CA LYS B 183 -4.82 -11.47 17.75
C LYS B 183 -4.05 -12.71 17.33
N ILE B 184 -3.16 -13.21 18.21
CA ILE B 184 -2.34 -14.36 17.86
C ILE B 184 -3.20 -15.59 17.65
N ALA B 185 -4.14 -15.84 18.58
CA ALA B 185 -4.98 -17.03 18.49
C ALA B 185 -5.89 -16.98 17.27
N LYS B 186 -6.48 -15.82 16.99
CA LYS B 186 -7.39 -15.75 15.86
C LYS B 186 -6.65 -15.91 14.53
N ARG B 187 -5.42 -15.41 14.42
CA ARG B 187 -4.66 -15.65 13.19
C ARG B 187 -4.42 -17.13 12.98
N ALA B 188 -4.05 -17.85 14.04
CA ALA B 188 -3.84 -19.29 13.93
C ALA B 188 -5.10 -20.00 13.50
N GLN B 189 -6.24 -19.60 14.06
CA GLN B 189 -7.52 -20.23 13.71
C GLN B 189 -7.93 -19.91 12.28
N ALA B 190 -7.66 -18.69 11.82
CA ALA B 190 -8.03 -18.34 10.45
C ALA B 190 -7.23 -19.16 9.47
N GLU B 191 -5.93 -19.37 9.74
CA GLU B 191 -5.12 -20.21 8.86
C GLU B 191 -5.65 -21.65 8.81
N TYR B 192 -6.00 -22.22 9.97
CA TYR B 192 -6.55 -23.57 9.99
C TYR B 192 -7.90 -23.62 9.28
N ALA B 193 -8.76 -22.63 9.51
CA ALA B 193 -10.04 -22.60 8.83
C ALA B 193 -9.86 -22.61 7.32
N ALA B 194 -8.86 -21.86 6.82
CA ALA B 194 -8.63 -21.83 5.37
C ALA B 194 -8.12 -23.16 4.87
N THR B 195 -7.30 -23.84 5.68
CA THR B 195 -6.85 -25.19 5.33
C THR B 195 -8.03 -26.16 5.23
N LEU B 196 -8.96 -26.10 6.19
CA LEU B 196 -10.04 -27.09 6.23
C LEU B 196 -11.17 -26.80 5.25
N ALA B 197 -11.42 -25.52 4.95
CA ALA B 197 -12.58 -25.16 4.12
C ALA B 197 -12.69 -25.99 2.85
N PRO B 198 -11.62 -26.23 2.07
CA PRO B 198 -11.80 -26.96 0.80
C PRO B 198 -12.08 -28.44 0.99
N TYR B 199 -11.92 -28.98 2.21
CA TYR B 199 -12.22 -30.38 2.46
C TYR B 199 -13.68 -30.62 2.76
N LEU B 200 -14.43 -29.59 3.16
CA LEU B 200 -15.77 -29.83 3.69
C LEU B 200 -16.66 -30.49 2.65
N GLU B 201 -16.69 -29.96 1.41
CA GLU B 201 -17.64 -30.48 0.44
C GLU B 201 -17.24 -31.86 -0.09
N PRO B 202 -15.99 -32.14 -0.43
CA PRO B 202 -15.65 -33.55 -0.74
C PRO B 202 -15.92 -34.50 0.41
N TRP B 203 -15.66 -34.09 1.66
CA TRP B 203 -15.98 -35.00 2.77
C TRP B 203 -17.49 -35.23 2.85
N LEU B 204 -18.30 -34.19 2.66
CA LEU B 204 -19.76 -34.37 2.76
C LEU B 204 -20.28 -35.28 1.65
N ARG B 205 -19.78 -35.11 0.42
CA ARG B 205 -20.11 -36.02 -0.67
C ARG B 205 -19.74 -37.46 -0.30
N LYS B 206 -18.56 -37.65 0.29
CA LYS B 206 -18.14 -38.98 0.70
C LYS B 206 -19.06 -39.55 1.78
N LEU B 207 -19.33 -38.79 2.83
CA LEU B 207 -20.16 -39.32 3.90
C LEU B 207 -21.58 -39.56 3.42
N ASN B 208 -22.08 -38.69 2.54
CA ASN B 208 -23.38 -38.85 1.89
C ASN B 208 -24.48 -39.06 2.94
N ILE B 209 -24.57 -38.11 3.87
CA ILE B 209 -25.54 -38.18 4.96
C ILE B 209 -26.72 -37.26 4.65
N GLU B 210 -27.94 -37.81 4.70
CA GLU B 210 -29.14 -37.02 4.45
C GLU B 210 -29.16 -35.76 5.31
N GLY B 211 -29.35 -34.61 4.66
CA GLY B 211 -29.40 -33.35 5.36
C GLY B 211 -28.06 -32.73 5.69
N CYS B 212 -26.96 -33.39 5.36
CA CYS B 212 -25.62 -32.87 5.63
C CYS B 212 -25.05 -32.37 4.30
N THR B 213 -25.54 -31.21 3.91
CA THR B 213 -25.06 -30.47 2.76
C THR B 213 -24.58 -29.12 3.27
N LYS B 214 -23.75 -28.44 2.47
CA LYS B 214 -23.26 -27.14 2.91
C LYS B 214 -24.42 -26.21 3.18
N SER B 215 -25.40 -26.18 2.27
CA SER B 215 -26.52 -25.26 2.44
C SER B 215 -27.31 -25.59 3.70
N ASN B 216 -27.48 -26.86 4.03
CA ASN B 216 -28.26 -27.19 5.21
C ASN B 216 -27.46 -26.96 6.50
N LEU B 217 -26.13 -27.09 6.45
CA LEU B 217 -25.32 -26.75 7.62
C LEU B 217 -25.35 -25.25 7.89
N ILE B 218 -25.50 -24.45 6.82
CA ILE B 218 -25.64 -23.00 6.97
C ILE B 218 -27.00 -22.65 7.58
N ARG B 219 -28.08 -23.32 7.14
CA ARG B 219 -29.37 -23.10 7.75
C ARG B 219 -29.35 -23.48 9.22
N PHE B 220 -28.67 -24.57 9.56
CA PHE B 220 -28.60 -24.95 10.97
C PHE B 220 -27.82 -23.92 11.78
N MET B 221 -26.65 -23.53 11.29
CA MET B 221 -25.88 -22.46 11.92
C MET B 221 -26.74 -21.23 12.18
N ALA B 222 -27.50 -20.79 11.17
CA ALA B 222 -28.35 -19.61 11.30
C ALA B 222 -29.42 -19.76 12.37
N SER B 223 -29.89 -20.98 12.62
CA SER B 223 -30.96 -21.21 13.60
C SER B 223 -30.46 -21.31 15.03
N GLN B 224 -29.16 -21.46 15.24
CA GLN B 224 -28.62 -21.72 16.57
C GLN B 224 -28.54 -20.45 17.40
N PRO B 225 -28.40 -20.58 18.74
CA PRO B 225 -28.34 -19.38 19.59
C PRO B 225 -27.14 -18.51 19.34
N GLU B 226 -25.96 -19.08 19.10
CA GLU B 226 -24.76 -18.26 18.89
C GLU B 226 -24.90 -17.30 17.72
N SER B 227 -25.88 -17.52 16.84
CA SER B 227 -26.10 -16.57 15.76
C SER B 227 -26.71 -15.27 16.27
N ASP B 228 -27.25 -15.28 17.48
CA ASP B 228 -27.61 -14.00 18.12
C ASP B 228 -26.37 -13.29 18.63
N ASP B 229 -25.38 -14.06 19.12
CA ASP B 229 -24.08 -13.56 19.56
C ASP B 229 -23.14 -13.24 18.41
N SER B 230 -23.63 -13.06 17.18
CA SER B 230 -22.72 -13.00 16.05
C SER B 230 -23.35 -12.38 14.81
N MET B 231 -24.66 -12.17 14.81
CA MET B 231 -25.35 -11.66 13.64
C MET B 231 -26.28 -10.53 14.05
N THR B 232 -26.97 -9.98 13.07
CA THR B 232 -27.89 -8.87 13.24
C THR B 232 -29.20 -9.19 12.54
N PRO B 233 -30.28 -8.48 12.91
CA PRO B 233 -31.54 -8.55 12.17
C PRO B 233 -31.43 -8.66 10.65
N GLN B 234 -30.93 -7.63 9.96
CA GLN B 234 -30.98 -7.64 8.51
C GLN B 234 -30.10 -8.75 7.93
N GLN B 235 -29.11 -9.23 8.69
CA GLN B 235 -28.25 -10.30 8.21
C GLN B 235 -28.99 -11.64 8.21
N LYS B 236 -29.62 -11.99 9.33
CA LYS B 236 -30.57 -13.09 9.32
C LYS B 236 -31.50 -12.97 8.12
N SER B 237 -32.18 -11.84 7.98
CA SER B 237 -33.09 -11.63 6.85
C SER B 237 -32.48 -12.13 5.54
N ASN B 238 -31.27 -11.64 5.20
CA ASN B 238 -30.72 -11.98 3.88
C ASN B 238 -30.26 -13.43 3.81
N LEU B 239 -29.83 -13.99 4.94
CA LEU B 239 -29.46 -15.40 4.98
C LEU B 239 -30.66 -16.26 4.61
N LEU B 240 -31.78 -16.04 5.29
CA LEU B 240 -32.98 -16.85 5.11
C LEU B 240 -33.76 -16.46 3.85
N ASP B 241 -33.18 -15.67 2.95
CA ASP B 241 -33.67 -15.51 1.59
C ASP B 241 -32.89 -16.32 0.58
N THR B 242 -31.58 -16.45 0.78
CA THR B 242 -30.80 -17.38 -0.01
C THR B 242 -31.02 -18.81 0.45
N TYR B 243 -31.37 -18.99 1.72
CA TYR B 243 -31.34 -20.31 2.33
C TYR B 243 -32.67 -20.76 2.89
N SER B 244 -33.54 -19.87 3.37
CA SER B 244 -34.76 -20.22 4.07
C SER B 244 -34.43 -20.98 5.34
N ASP B 245 -35.43 -21.32 6.16
CA ASP B 245 -35.18 -22.03 7.40
C ASP B 245 -35.77 -23.44 7.41
N ASP B 246 -36.37 -23.88 6.31
CA ASP B 246 -36.77 -25.27 6.18
C ASP B 246 -35.53 -26.11 5.89
N MET B 247 -35.25 -27.05 6.80
CA MET B 247 -34.07 -27.90 6.70
C MET B 247 -34.42 -29.33 6.28
N GLY B 248 -35.62 -29.56 5.75
CA GLY B 248 -35.98 -30.89 5.30
C GLY B 248 -36.60 -31.78 6.35
N SER B 249 -36.47 -33.10 6.18
CA SER B 249 -37.13 -34.04 7.04
C SER B 249 -36.61 -33.97 8.47
N PRO B 250 -37.37 -34.50 9.44
CA PRO B 250 -36.84 -34.58 10.82
C PRO B 250 -35.47 -35.22 10.90
N GLN B 251 -35.21 -36.28 10.10
CA GLN B 251 -33.92 -36.94 10.18
C GLN B 251 -32.82 -36.04 9.62
N ALA B 252 -33.14 -35.29 8.55
CA ALA B 252 -32.19 -34.34 7.99
C ALA B 252 -31.79 -33.30 9.02
N VAL B 253 -32.78 -32.75 9.74
CA VAL B 253 -32.50 -31.73 10.75
C VAL B 253 -31.66 -32.35 11.85
N ARG B 254 -31.97 -33.59 12.20
CA ARG B 254 -31.21 -34.29 13.21
C ARG B 254 -29.76 -34.55 12.78
N ASN B 255 -29.57 -34.94 11.52
CA ASN B 255 -28.22 -35.26 11.05
C ASN B 255 -27.36 -34.02 10.99
N ALA B 256 -27.97 -32.89 10.60
CA ALA B 256 -27.22 -31.64 10.47
C ALA B 256 -26.75 -31.18 11.85
N SER B 257 -27.60 -31.34 12.86
CA SER B 257 -27.22 -31.01 14.21
C SER B 257 -26.07 -31.91 14.67
N MET B 258 -26.17 -33.22 14.39
CA MET B 258 -25.15 -34.15 14.84
C MET B 258 -23.84 -33.92 14.10
N PHE B 259 -23.93 -33.58 12.82
CA PHE B 259 -22.71 -33.29 12.07
C PHE B 259 -22.01 -32.08 12.66
N THR B 260 -22.77 -31.02 12.97
CA THR B 260 -22.16 -29.81 13.50
C THR B 260 -21.49 -30.07 14.85
N GLU B 261 -22.18 -30.80 15.72
CA GLU B 261 -21.60 -31.20 17.00
C GLU B 261 -20.37 -32.07 16.80
N ALA B 262 -20.44 -33.03 15.88
CA ALA B 262 -19.30 -33.91 15.63
C ALA B 262 -18.11 -33.14 15.05
N TRP B 263 -18.37 -32.17 14.17
CA TRP B 263 -17.28 -31.35 13.65
C TRP B 263 -16.61 -30.58 14.77
N ASP B 264 -17.40 -29.89 15.58
CA ASP B 264 -16.81 -29.06 16.62
C ASP B 264 -16.06 -29.92 17.64
N ARG B 265 -16.47 -31.18 17.81
CA ARG B 265 -15.71 -32.07 18.68
C ARG B 265 -14.36 -32.45 18.07
N VAL B 266 -14.34 -32.76 16.77
CA VAL B 266 -13.09 -33.21 16.16
C VAL B 266 -12.15 -32.03 15.89
N PHE B 267 -12.69 -30.90 15.44
CA PHE B 267 -11.86 -29.80 14.98
C PHE B 267 -11.84 -28.58 15.89
N ASN B 268 -12.76 -28.45 16.83
CA ASN B 268 -12.86 -27.26 17.66
C ASN B 268 -12.63 -27.59 19.14
N ASP B 269 -11.74 -28.54 19.40
CA ASP B 269 -11.28 -28.78 20.77
C ASP B 269 -10.65 -27.52 21.35
N GLN B 270 -11.17 -27.07 22.50
CA GLN B 270 -10.66 -25.85 23.14
C GLN B 270 -9.29 -26.04 23.79
N SER B 271 -8.68 -27.22 23.65
CA SER B 271 -7.32 -27.43 24.15
C SER B 271 -6.28 -26.90 23.18
N LYS B 272 -6.59 -26.85 21.89
CA LYS B 272 -5.61 -26.56 20.85
C LYS B 272 -5.59 -25.08 20.49
N LEU B 273 -4.42 -24.64 19.99
CA LEU B 273 -4.35 -23.32 19.37
C LEU B 273 -4.98 -23.34 17.97
N ARG B 274 -4.76 -24.43 17.23
CA ARG B 274 -5.34 -24.59 15.88
C ARG B 274 -6.68 -25.30 16.00
N ARG B 275 -7.73 -24.51 16.17
CA ARG B 275 -9.08 -25.02 16.30
C ARG B 275 -9.98 -24.20 15.39
N VAL B 276 -11.00 -24.84 14.83
CA VAL B 276 -11.96 -24.13 13.99
C VAL B 276 -13.33 -24.77 14.17
N ALA B 277 -14.31 -23.95 14.52
CA ALA B 277 -15.70 -24.37 14.54
C ALA B 277 -16.21 -24.49 13.12
N LEU B 278 -17.19 -25.37 12.92
CA LEU B 278 -17.84 -25.46 11.63
C LEU B 278 -18.33 -24.10 11.18
N ARG B 279 -18.92 -23.34 12.11
CA ARG B 279 -19.42 -22.01 11.81
C ARG B 279 -18.35 -21.12 11.18
N ASP B 280 -17.11 -21.25 11.64
CA ASP B 280 -16.02 -20.46 11.06
C ASP B 280 -15.81 -20.78 9.59
N ILE B 281 -15.93 -22.05 9.20
CA ILE B 281 -15.76 -22.39 7.79
C ILE B 281 -16.96 -21.95 6.97
N LEU B 282 -18.17 -22.07 7.54
CA LEU B 282 -19.37 -21.70 6.80
C LEU B 282 -19.43 -20.20 6.54
N MET B 283 -18.90 -19.37 7.44
CA MET B 283 -18.85 -17.93 7.20
C MET B 283 -17.91 -17.56 6.07
N LEU B 284 -16.98 -18.44 5.70
CA LEU B 284 -16.14 -18.17 4.56
C LEU B 284 -16.87 -18.37 3.24
N ASP B 285 -18.02 -19.02 3.25
CA ASP B 285 -18.71 -19.37 2.01
C ASP B 285 -19.06 -18.11 1.22
N LYS B 286 -18.89 -18.19 -0.10
CA LYS B 286 -19.02 -16.98 -0.93
C LYS B 286 -20.45 -16.47 -1.02
N ASN B 287 -21.45 -17.27 -0.65
CA ASN B 287 -22.81 -16.73 -0.57
C ASN B 287 -23.15 -16.26 0.82
N VAL B 288 -22.32 -16.55 1.80
CA VAL B 288 -22.55 -16.11 3.17
C VAL B 288 -21.83 -14.80 3.47
N GLU B 289 -20.53 -14.75 3.15
CA GLU B 289 -19.73 -13.57 3.51
C GLU B 289 -20.29 -12.25 2.96
N PRO B 290 -20.89 -12.15 1.76
CA PRO B 290 -21.44 -10.84 1.37
C PRO B 290 -22.51 -10.33 2.33
N ILE B 291 -23.25 -11.22 2.97
CA ILE B 291 -24.30 -10.77 3.87
C ILE B 291 -23.71 -10.06 5.08
N PHE B 292 -22.48 -10.41 5.48
CA PHE B 292 -21.76 -9.77 6.57
C PHE B 292 -20.72 -8.78 6.05
N ASP B 293 -21.07 -8.12 4.95
CA ASP B 293 -20.24 -7.13 4.28
C ASP B 293 -20.99 -5.80 4.32
N ASN B 294 -20.34 -4.77 4.86
CA ASN B 294 -21.00 -3.50 5.13
C ASN B 294 -20.63 -2.40 4.15
N LYS B 295 -19.86 -2.72 3.09
CA LYS B 295 -19.54 -1.74 2.05
C LYS B 295 -20.74 -1.63 1.10
N ARG B 296 -21.76 -0.92 1.57
CA ARG B 296 -23.01 -0.69 0.87
C ARG B 296 -23.13 0.79 0.51
N ALA B 297 -23.36 1.08 -0.77
CA ALA B 297 -23.57 2.46 -1.19
C ALA B 297 -24.92 2.98 -0.73
N LYS B 298 -25.95 2.14 -0.78
CA LYS B 298 -27.29 2.55 -0.39
C LYS B 298 -27.88 1.63 0.68
N ALA B 310 -45.83 6.10 -6.87
CA ALA B 310 -46.28 5.65 -8.19
C ALA B 310 -45.18 5.87 -9.22
N LEU B 311 -45.31 6.92 -10.01
CA LEU B 311 -44.28 7.25 -11.00
C LEU B 311 -42.98 7.68 -10.33
N MET B 312 -43.10 8.52 -9.30
CA MET B 312 -41.90 9.14 -8.72
C MET B 312 -41.09 8.15 -7.91
N GLN B 313 -41.74 7.18 -7.28
CA GLN B 313 -40.99 6.16 -6.54
C GLN B 313 -40.08 5.39 -7.49
N LYS B 314 -40.55 5.16 -8.72
CA LYS B 314 -39.72 4.51 -9.72
C LYS B 314 -38.52 5.36 -10.10
N VAL B 315 -38.74 6.67 -10.28
CA VAL B 315 -37.63 7.54 -10.65
C VAL B 315 -36.65 7.66 -9.48
N ILE B 316 -37.17 7.84 -8.26
CA ILE B 316 -36.30 7.96 -7.09
C ILE B 316 -35.43 6.73 -6.96
N ASP B 317 -36.04 5.54 -7.09
CA ASP B 317 -35.27 4.31 -6.99
C ASP B 317 -34.26 4.17 -8.13
N ALA B 318 -34.57 4.72 -9.30
CA ALA B 318 -33.69 4.58 -10.46
C ALA B 318 -32.44 5.46 -10.36
N LEU B 319 -32.58 6.66 -9.78
CA LEU B 319 -31.48 7.61 -9.68
C LEU B 319 -30.74 7.52 -8.36
N GLY B 320 -31.00 6.47 -7.58
CA GLY B 320 -30.50 6.43 -6.21
C GLY B 320 -28.98 6.39 -6.10
N SER B 321 -28.30 5.70 -7.01
CA SER B 321 -26.84 5.68 -6.94
C SER B 321 -26.28 7.09 -7.09
N TYR B 322 -26.92 7.90 -7.94
CA TYR B 322 -26.42 9.24 -8.25
C TYR B 322 -26.78 10.25 -7.17
N THR B 323 -28.00 10.16 -6.60
CA THR B 323 -28.39 11.08 -5.55
C THR B 323 -27.64 10.77 -4.27
N THR B 324 -27.17 9.52 -4.11
CA THR B 324 -26.50 9.11 -2.88
C THR B 324 -25.00 9.41 -2.91
N LEU B 325 -24.34 9.12 -4.04
CA LEU B 325 -22.89 9.25 -4.10
C LEU B 325 -22.42 10.56 -4.73
N GLY B 326 -23.26 11.21 -5.54
CA GLY B 326 -22.81 12.34 -6.33
C GLY B 326 -22.48 13.54 -5.46
N CYS B 327 -21.22 13.96 -5.46
CA CYS B 327 -20.80 15.09 -4.63
C CYS B 327 -21.42 16.40 -5.12
N LEU B 328 -21.95 17.19 -4.18
CA LEU B 328 -22.52 18.49 -4.54
C LEU B 328 -21.45 19.50 -4.88
N ILE B 329 -20.24 19.33 -4.35
CA ILE B 329 -19.15 20.27 -4.56
C ILE B 329 -18.39 19.97 -5.83
N CYS B 330 -17.90 18.73 -6.00
CA CYS B 330 -16.96 18.40 -7.06
C CYS B 330 -17.52 17.44 -8.10
N PHE B 331 -18.76 16.95 -7.94
CA PHE B 331 -19.52 16.18 -8.92
C PHE B 331 -18.98 14.78 -9.18
N SER B 332 -17.98 14.36 -8.41
CA SER B 332 -17.50 12.99 -8.44
C SER B 332 -18.28 12.11 -7.48
N HIS B 333 -18.28 10.80 -7.75
CA HIS B 333 -19.00 9.83 -6.92
C HIS B 333 -18.12 9.15 -5.89
N ASP B 334 -16.80 9.32 -5.97
CA ASP B 334 -15.89 8.99 -4.87
C ASP B 334 -14.85 10.09 -4.82
N CYS B 335 -14.76 10.81 -3.70
CA CYS B 335 -14.01 12.08 -3.70
C CYS B 335 -13.56 12.38 -2.28
N GLU B 336 -13.04 13.59 -2.07
CA GLU B 336 -12.47 13.99 -0.78
C GLU B 336 -13.46 14.69 0.14
N HIS B 337 -14.72 14.84 -0.27
CA HIS B 337 -15.70 15.51 0.56
C HIS B 337 -16.53 14.48 1.30
N GLY B 338 -17.40 14.96 2.19
CA GLY B 338 -18.20 14.07 3.00
C GLY B 338 -17.53 13.77 4.32
N GLU B 339 -18.16 12.87 5.07
CA GLU B 339 -17.70 12.54 6.42
C GLU B 339 -17.45 11.04 6.54
N ILE B 340 -16.33 10.69 7.14
CA ILE B 340 -15.94 9.31 7.43
C ILE B 340 -16.36 9.01 8.86
N GLU B 341 -17.18 7.97 9.03
CA GLU B 341 -17.52 7.54 10.38
C GLU B 341 -16.42 6.65 10.96
N ARG B 342 -16.54 6.35 12.26
CA ARG B 342 -15.47 5.66 12.98
C ARG B 342 -15.19 4.28 12.40
N ASP B 343 -16.20 3.58 11.88
CA ASP B 343 -15.98 2.33 11.19
C ASP B 343 -15.73 2.53 9.69
N ASN B 344 -15.43 3.76 9.27
CA ASN B 344 -15.07 4.09 7.90
C ASN B 344 -16.23 3.95 6.92
N GLN B 345 -17.46 3.82 7.43
CA GLN B 345 -18.63 4.12 6.60
C GLN B 345 -18.61 5.60 6.25
N LYS B 346 -19.00 5.93 5.03
CA LYS B 346 -18.92 7.30 4.54
C LYS B 346 -20.30 7.88 4.28
N ARG B 347 -20.53 9.07 4.80
CA ARG B 347 -21.69 9.86 4.41
C ARG B 347 -21.24 10.85 3.34
N CYS B 348 -21.60 10.60 2.08
CA CYS B 348 -21.20 11.49 1.01
C CYS B 348 -21.91 12.85 1.11
N PHE B 349 -21.27 13.87 0.57
CA PHE B 349 -21.86 15.20 0.57
C PHE B 349 -22.71 15.37 -0.68
N SER B 350 -23.90 14.74 -0.65
CA SER B 350 -24.69 14.47 -1.85
C SER B 350 -26.14 14.95 -1.69
N LEU B 351 -26.95 14.69 -2.71
CA LEU B 351 -28.35 15.10 -2.65
C LEU B 351 -29.07 14.48 -1.45
N GLU B 352 -28.74 13.24 -1.11
CA GLU B 352 -29.35 12.59 0.06
C GLU B 352 -29.09 13.35 1.36
N GLU B 353 -28.01 14.13 1.41
CA GLU B 353 -27.74 14.94 2.59
C GLU B 353 -28.74 16.08 2.74
N ILE B 354 -29.40 16.48 1.64
CA ILE B 354 -30.35 17.59 1.68
C ILE B 354 -31.71 17.14 1.16
N GLY B 355 -32.10 15.91 1.49
CA GLY B 355 -33.46 15.45 1.30
C GLY B 355 -33.70 14.56 0.12
N GLY B 356 -32.66 14.19 -0.64
CA GLY B 356 -32.88 13.32 -1.77
C GLY B 356 -33.41 14.09 -2.98
N LEU B 357 -33.94 13.33 -3.94
CA LEU B 357 -34.31 13.92 -5.22
C LEU B 357 -35.46 14.92 -5.08
N MET B 358 -36.47 14.59 -4.25
CA MET B 358 -37.77 15.27 -4.37
C MET B 358 -37.75 16.74 -3.93
N PRO B 359 -37.23 17.11 -2.76
CA PRO B 359 -37.30 18.54 -2.38
C PRO B 359 -36.62 19.47 -3.37
N SER B 360 -35.54 19.02 -4.01
CA SER B 360 -34.90 19.81 -5.06
C SER B 360 -35.69 19.75 -6.36
N LEU B 361 -36.24 18.58 -6.71
CA LEU B 361 -37.02 18.47 -7.94
C LEU B 361 -38.32 19.24 -7.83
N ARG B 362 -38.99 19.15 -6.67
CA ARG B 362 -40.22 19.92 -6.48
C ARG B 362 -39.99 21.40 -6.68
N ARG B 363 -38.87 21.92 -6.16
CA ARG B 363 -38.59 23.33 -6.33
C ARG B 363 -38.31 23.66 -7.79
N LYS B 364 -37.61 22.77 -8.50
CA LYS B 364 -37.40 22.99 -9.93
C LYS B 364 -38.73 23.14 -10.65
N TRP B 365 -39.66 22.21 -10.41
CA TRP B 365 -40.98 22.30 -10.99
C TRP B 365 -41.67 23.61 -10.65
N ALA B 366 -41.81 23.89 -9.34
CA ALA B 366 -42.46 25.12 -8.90
C ALA B 366 -41.91 26.33 -9.65
N ALA B 367 -40.59 26.41 -9.78
CA ALA B 367 -39.98 27.52 -10.52
C ALA B 367 -40.22 27.39 -12.02
N GLN B 368 -40.36 26.16 -12.52
CA GLN B 368 -40.65 25.99 -13.94
C GLN B 368 -42.05 26.47 -14.29
N ILE B 369 -43.03 26.18 -13.43
CA ILE B 369 -44.39 26.62 -13.67
C ILE B 369 -44.52 28.12 -13.43
N GLU B 370 -43.70 28.67 -12.53
CA GLU B 370 -43.70 30.12 -12.29
C GLU B 370 -42.89 30.87 -13.34
N GLN B 371 -42.86 30.36 -14.57
CA GLN B 371 -42.46 31.16 -15.73
C GLN B 371 -43.60 31.03 -16.74
N ARG B 372 -44.40 32.08 -16.81
CA ARG B 372 -45.68 32.07 -17.53
C ARG B 372 -45.61 33.07 -18.67
N GLN B 373 -45.63 32.56 -19.89
CA GLN B 373 -45.57 33.40 -21.08
C GLN B 373 -46.70 33.04 -22.04
N HIS B 386 -32.84 24.95 -30.00
CA HIS B 386 -33.96 25.37 -30.84
C HIS B 386 -34.14 24.44 -32.06
N PRO B 387 -33.13 24.29 -32.93
CA PRO B 387 -33.32 23.48 -34.14
C PRO B 387 -33.75 22.07 -33.79
N PRO B 388 -34.61 21.46 -34.59
CA PRO B 388 -35.04 20.09 -34.31
C PRO B 388 -33.85 19.14 -34.31
N CYS B 389 -34.02 18.03 -33.59
CA CYS B 389 -32.97 17.05 -33.50
C CYS B 389 -32.77 16.37 -34.86
N ARG B 390 -31.53 15.94 -35.11
CA ARG B 390 -31.19 15.30 -36.38
C ARG B 390 -31.37 13.79 -36.32
N ASN B 391 -32.38 13.33 -35.59
CA ASN B 391 -32.69 11.91 -35.40
C ASN B 391 -34.15 11.66 -35.73
N GLU B 392 -34.58 12.17 -36.89
CA GLU B 392 -35.98 12.11 -37.33
C GLU B 392 -36.90 12.72 -36.27
N CYS B 393 -36.71 14.03 -36.09
CA CYS B 393 -37.29 14.71 -34.93
C CYS B 393 -38.81 14.65 -34.94
N TYR B 394 -39.38 14.39 -33.76
CA TYR B 394 -40.82 14.42 -33.60
C TYR B 394 -41.41 15.79 -33.95
N ARG B 395 -40.59 16.85 -33.87
CA ARG B 395 -41.01 18.17 -34.29
C ARG B 395 -41.15 18.30 -35.80
N ILE B 396 -40.75 17.29 -36.56
CA ILE B 396 -41.01 17.20 -37.99
C ILE B 396 -42.01 16.10 -38.30
N HIS B 397 -41.75 14.91 -37.77
CA HIS B 397 -42.68 13.79 -37.88
C HIS B 397 -43.57 13.75 -36.63
N GLY B 398 -43.71 12.59 -36.01
CA GLY B 398 -44.41 12.52 -34.73
C GLY B 398 -45.64 11.65 -34.73
N PRO B 407 -40.62 -1.63 -32.90
CA PRO B 407 -39.60 -2.41 -32.16
C PRO B 407 -39.82 -2.30 -30.65
N PRO B 408 -40.10 -3.43 -30.00
CA PRO B 408 -40.69 -3.37 -28.64
C PRO B 408 -39.72 -2.81 -27.62
N TRP B 409 -40.23 -1.89 -26.80
CA TRP B 409 -39.44 -1.28 -25.74
C TRP B 409 -39.25 -2.25 -24.57
N SER B 410 -38.03 -2.32 -24.05
CA SER B 410 -37.79 -2.99 -22.78
C SER B 410 -38.23 -2.07 -21.64
N GLU B 411 -38.32 -2.63 -20.44
CA GLU B 411 -38.68 -1.75 -19.33
C GLU B 411 -37.55 -0.80 -18.98
N ASN B 412 -36.29 -1.19 -19.23
CA ASN B 412 -35.17 -0.27 -19.10
C ASN B 412 -35.39 0.97 -19.96
N GLU B 413 -35.74 0.77 -21.24
CA GLU B 413 -35.98 1.91 -22.13
C GLU B 413 -37.16 2.74 -21.65
N VAL B 414 -38.19 2.09 -21.11
CA VAL B 414 -39.30 2.82 -20.51
C VAL B 414 -38.81 3.60 -19.29
N GLY B 415 -38.12 2.91 -18.38
CA GLY B 415 -37.56 3.59 -17.23
C GLY B 415 -36.72 4.80 -17.61
N THR B 416 -35.83 4.64 -18.58
CA THR B 416 -35.05 5.76 -19.10
C THR B 416 -35.95 6.91 -19.50
N LEU B 417 -37.00 6.61 -20.25
CA LEU B 417 -37.95 7.63 -20.69
C LEU B 417 -38.61 8.32 -19.50
N GLU B 418 -38.93 7.55 -18.46
CA GLU B 418 -39.59 8.13 -17.29
C GLU B 418 -38.68 9.12 -16.56
N TRP B 419 -37.47 8.71 -16.18
CA TRP B 419 -36.68 9.60 -15.32
C TRP B 419 -36.21 10.82 -16.09
N MET B 420 -35.96 10.69 -17.41
CA MET B 420 -35.72 11.89 -18.20
C MET B 420 -36.95 12.77 -18.22
N PHE B 421 -38.13 12.18 -18.41
CA PHE B 421 -39.37 12.95 -18.40
C PHE B 421 -39.53 13.72 -17.09
N ALA B 422 -39.40 13.01 -15.96
CA ALA B 422 -39.66 13.63 -14.66
C ALA B 422 -38.66 14.72 -14.33
N THR B 423 -37.39 14.58 -14.76
CA THR B 423 -36.39 15.56 -14.36
C THR B 423 -36.21 16.67 -15.38
N ILE B 424 -36.53 16.44 -16.66
CA ILE B 424 -36.72 17.56 -17.57
C ILE B 424 -37.87 18.44 -17.05
N GLY B 425 -38.98 17.80 -16.70
CA GLY B 425 -40.07 18.51 -16.06
C GLY B 425 -40.74 19.51 -16.98
N TYR B 426 -41.33 20.53 -16.36
CA TYR B 426 -42.11 21.56 -17.06
C TYR B 426 -41.19 22.54 -17.78
N SER B 427 -40.39 22.00 -18.69
CA SER B 427 -39.43 22.83 -19.42
C SER B 427 -40.08 23.47 -20.63
N GLN B 428 -39.69 24.72 -20.89
CA GLN B 428 -40.15 25.42 -22.08
C GLN B 428 -39.37 24.99 -23.31
N THR B 429 -38.05 24.81 -23.16
CA THR B 429 -37.15 24.70 -24.30
C THR B 429 -36.56 23.31 -24.51
N LEU B 430 -36.54 22.47 -23.48
CA LEU B 430 -35.94 21.16 -23.59
C LEU B 430 -37.02 20.09 -23.45
N ARG B 431 -36.93 19.06 -24.28
CA ARG B 431 -37.93 18.01 -24.35
C ARG B 431 -37.25 16.65 -24.27
N PRO B 432 -37.84 15.71 -23.53
CA PRO B 432 -37.22 14.39 -23.40
C PRO B 432 -37.03 13.65 -24.72
N GLU B 433 -37.94 13.84 -25.67
CA GLU B 433 -37.97 13.04 -26.89
C GLU B 433 -36.60 12.95 -27.54
N CYS B 434 -36.00 14.10 -27.84
CA CYS B 434 -34.76 14.12 -28.60
C CYS B 434 -33.62 13.52 -27.79
N PHE B 435 -33.48 13.91 -26.53
CA PHE B 435 -32.36 13.40 -25.73
C PHE B 435 -32.51 11.91 -25.47
N VAL B 436 -33.71 11.47 -25.04
CA VAL B 436 -33.95 10.04 -24.88
C VAL B 436 -33.69 9.32 -26.18
N GLY B 437 -34.00 9.97 -27.31
CA GLY B 437 -33.73 9.37 -28.60
C GLY B 437 -32.25 9.12 -28.82
N ALA B 438 -31.42 10.10 -28.49
CA ALA B 438 -29.97 9.90 -28.63
C ALA B 438 -29.44 8.94 -27.58
N ILE B 439 -30.09 8.83 -26.43
CA ILE B 439 -29.62 7.92 -25.39
C ILE B 439 -29.84 6.47 -25.82
N LEU B 440 -31.10 6.11 -26.08
CA LEU B 440 -31.39 4.85 -26.72
C LEU B 440 -30.95 4.92 -28.18
N GLY B 441 -31.11 3.83 -28.90
CA GLY B 441 -30.79 3.91 -30.31
C GLY B 441 -31.98 4.25 -31.18
N ARG B 442 -32.95 5.01 -30.64
CA ARG B 442 -34.27 5.10 -31.25
C ARG B 442 -34.52 6.46 -31.91
N PRO B 443 -35.37 6.50 -32.94
CA PRO B 443 -35.67 7.77 -33.60
C PRO B 443 -36.54 8.65 -32.73
N CYS B 444 -36.43 9.96 -32.97
CA CYS B 444 -37.12 10.92 -32.09
C CYS B 444 -38.64 10.81 -32.19
N TRP B 445 -39.18 10.42 -33.35
CA TRP B 445 -40.63 10.19 -33.42
C TRP B 445 -41.04 8.93 -32.66
N ASP B 446 -40.14 7.96 -32.48
CA ASP B 446 -40.47 6.72 -31.79
C ASP B 446 -40.78 6.98 -30.31
N VAL B 447 -39.87 7.64 -29.60
CA VAL B 447 -40.07 7.84 -28.17
C VAL B 447 -41.21 8.83 -27.90
N HIS B 448 -41.58 9.64 -28.91
CA HIS B 448 -42.80 10.42 -28.80
C HIS B 448 -44.03 9.54 -28.95
N ARG B 449 -43.99 8.59 -29.89
CA ARG B 449 -45.04 7.58 -29.99
C ARG B 449 -45.20 6.85 -28.66
N LYS B 450 -44.09 6.34 -28.11
CA LYS B 450 -44.14 5.69 -26.81
C LYS B 450 -44.52 6.68 -25.72
N LEU B 451 -44.02 7.92 -25.81
CA LEU B 451 -44.34 8.90 -24.79
C LEU B 451 -45.83 9.20 -24.74
N GLN B 452 -46.41 9.52 -25.90
CA GLN B 452 -47.84 9.81 -25.95
C GLN B 452 -48.67 8.61 -25.52
N GLU B 453 -48.31 7.42 -25.99
CA GLU B 453 -49.11 6.23 -25.68
C GLU B 453 -49.01 5.81 -24.22
N LEU B 454 -48.02 6.32 -23.48
CA LEU B 454 -47.90 6.00 -22.06
C LEU B 454 -48.49 7.08 -21.16
N ASP B 455 -48.56 8.33 -21.63
CA ASP B 455 -49.19 9.44 -20.92
C ASP B 455 -48.80 9.49 -19.46
N LEU B 456 -47.58 9.93 -19.17
CA LEU B 456 -47.08 9.98 -17.81
C LEU B 456 -47.48 11.29 -17.14
N ARG B 457 -47.77 11.21 -15.85
CA ARG B 457 -48.38 12.32 -15.12
C ARG B 457 -47.42 12.83 -14.05
N LEU B 458 -47.05 14.10 -14.17
CA LEU B 458 -46.23 14.74 -13.14
C LEU B 458 -47.08 15.10 -11.94
N PRO B 459 -46.73 14.67 -10.73
CA PRO B 459 -47.45 15.12 -9.54
C PRO B 459 -47.73 16.60 -9.61
N PRO B 460 -48.83 17.05 -9.00
CA PRO B 460 -49.15 18.47 -9.01
C PRO B 460 -48.27 19.22 -8.03
N VAL B 461 -47.83 20.41 -8.43
CA VAL B 461 -46.95 21.23 -7.59
C VAL B 461 -47.69 22.50 -7.19
N GLU B 462 -47.88 22.67 -5.89
CA GLU B 462 -48.53 23.84 -5.34
C GLU B 462 -47.69 25.08 -5.59
N PRO B 463 -48.30 26.26 -5.71
CA PRO B 463 -47.52 27.50 -5.71
C PRO B 463 -46.88 27.74 -4.35
N ARG B 464 -45.57 27.90 -4.33
CA ARG B 464 -44.81 28.00 -3.10
C ARG B 464 -44.85 29.45 -2.61
N THR B 465 -45.80 29.74 -1.72
CA THR B 465 -45.91 31.07 -1.12
C THR B 465 -44.72 31.34 -0.23
N ILE B 466 -43.99 32.43 -0.50
CA ILE B 466 -42.89 32.86 0.35
C ILE B 466 -43.44 33.87 1.36
N PRO B 467 -43.44 33.54 2.66
CA PRO B 467 -43.95 34.48 3.67
C PRO B 467 -42.86 35.49 4.00
N LYS B 468 -43.19 36.77 3.85
CA LYS B 468 -42.17 37.80 3.88
C LYS B 468 -41.61 37.96 5.29
N GLN B 469 -40.31 38.27 5.35
CA GLN B 469 -39.57 38.30 6.60
C GLN B 469 -38.76 39.58 6.73
N LYS B 470 -38.56 40.01 7.97
CA LYS B 470 -37.68 41.14 8.25
C LYS B 470 -36.26 40.84 7.79
N SER B 471 -35.62 41.85 7.21
CA SER B 471 -34.17 41.80 7.02
C SER B 471 -33.48 41.71 8.38
N LEU B 472 -32.26 41.23 8.37
CA LEU B 472 -31.57 41.20 9.64
C LEU B 472 -30.82 42.51 9.87
N PRO B 473 -30.71 42.96 11.12
CA PRO B 473 -30.01 44.23 11.38
C PRO B 473 -28.53 44.18 11.10
N TRP B 474 -27.91 42.99 11.02
CA TRP B 474 -26.47 42.90 10.83
C TRP B 474 -26.04 42.51 9.42
N TYR B 475 -26.98 42.18 8.54
CA TYR B 475 -26.63 41.71 7.20
C TYR B 475 -27.73 42.11 6.23
N ASP B 476 -27.37 42.88 5.21
CA ASP B 476 -28.28 43.26 4.13
C ASP B 476 -27.85 42.50 2.88
N ARG B 477 -28.67 41.53 2.47
CA ARG B 477 -28.29 40.65 1.38
C ARG B 477 -28.52 41.26 0.00
N ARG B 478 -29.12 42.44 -0.07
CA ARG B 478 -29.28 43.14 -1.34
C ARG B 478 -28.17 44.15 -1.58
N LYS B 479 -27.73 44.88 -0.56
CA LYS B 479 -26.54 45.69 -0.77
C LYS B 479 -25.28 44.87 -0.54
N LYS B 480 -25.42 43.62 -0.09
CA LYS B 480 -24.29 42.71 0.14
C LYS B 480 -23.34 43.34 1.15
N GLN B 481 -23.86 43.58 2.36
CA GLN B 481 -23.18 44.39 3.35
C GLN B 481 -23.42 43.85 4.74
N LEU B 482 -22.38 43.88 5.58
CA LEU B 482 -22.51 43.64 7.01
C LEU B 482 -22.60 44.97 7.73
N MET B 483 -23.45 45.04 8.75
CA MET B 483 -23.69 46.28 9.48
C MET B 483 -23.77 46.00 10.97
N SER B 484 -23.69 47.06 11.76
CA SER B 484 -23.97 46.97 13.19
C SER B 484 -22.98 46.06 13.90
N ASP B 485 -23.48 45.20 14.78
CA ASP B 485 -22.63 44.31 15.58
C ASP B 485 -22.55 42.92 14.97
N TRP B 486 -22.37 42.84 13.65
CA TRP B 486 -22.41 41.56 12.97
C TRP B 486 -21.41 40.58 13.56
N ALA B 487 -20.23 41.08 13.97
CA ALA B 487 -19.22 40.18 14.51
C ALA B 487 -19.70 39.51 15.79
N ASP B 488 -20.62 40.15 16.51
CA ASP B 488 -21.19 39.56 17.71
C ASP B 488 -22.42 38.71 17.43
N ALA B 489 -23.09 38.93 16.29
CA ALA B 489 -24.37 38.29 16.03
C ALA B 489 -24.26 36.93 15.34
N THR B 490 -23.17 36.68 14.61
CA THR B 490 -23.02 35.46 13.83
C THR B 490 -21.64 34.85 14.05
N ILE B 491 -21.56 33.54 13.87
CA ILE B 491 -20.27 32.85 13.80
C ILE B 491 -19.94 32.41 12.37
N THR B 492 -20.54 33.07 11.37
CA THR B 492 -20.28 32.72 9.97
C THR B 492 -18.79 32.77 9.66
N HIS B 493 -18.12 33.82 10.14
CA HIS B 493 -16.70 34.09 9.90
C HIS B 493 -15.76 33.37 10.86
N GLU B 494 -16.27 32.66 11.87
CA GLU B 494 -15.45 32.09 12.95
C GLU B 494 -15.34 30.58 12.77
N HIS B 495 -14.38 30.16 11.94
CA HIS B 495 -14.32 28.76 11.53
C HIS B 495 -13.89 27.83 12.66
N ALA B 496 -13.07 28.33 13.58
CA ALA B 496 -12.62 27.49 14.68
C ALA B 496 -13.77 27.02 15.57
N VAL B 497 -14.91 27.70 15.57
CA VAL B 497 -16.03 27.29 16.42
C VAL B 497 -17.17 26.68 15.64
N ARG B 498 -17.04 26.55 14.33
CA ARG B 498 -18.15 26.07 13.53
C ARG B 498 -18.27 24.54 13.60
N GLU B 499 -19.51 24.07 13.51
CA GLU B 499 -19.82 22.65 13.37
C GLU B 499 -20.55 22.43 12.06
N LEU B 500 -20.28 21.32 11.40
CA LEU B 500 -20.79 21.09 10.05
C LEU B 500 -22.12 20.35 10.11
N PHE B 501 -23.19 21.06 9.83
CA PHE B 501 -24.50 20.47 9.66
C PHE B 501 -24.86 20.45 8.18
N ALA B 502 -25.72 19.52 7.81
CA ALA B 502 -26.23 19.48 6.45
C ALA B 502 -26.82 20.84 6.06
N PRO B 503 -26.55 21.34 4.86
CA PRO B 503 -27.27 22.53 4.38
C PRO B 503 -28.78 22.33 4.55
N CYS B 504 -29.49 23.40 4.89
CA CYS B 504 -30.87 23.25 5.32
C CYS B 504 -31.77 22.92 4.14
N HIS B 505 -32.77 22.07 4.39
CA HIS B 505 -33.67 21.58 3.36
C HIS B 505 -35.11 21.43 3.89
N HIS B 506 -35.46 22.21 4.90
CA HIS B 506 -36.82 22.28 5.42
C HIS B 506 -37.72 23.06 4.48
N ASP B 507 -39.03 22.98 4.73
CA ASP B 507 -40.01 23.55 3.83
C ASP B 507 -40.35 25.02 4.11
N GLY B 508 -39.97 25.56 5.25
CA GLY B 508 -40.44 26.89 5.58
C GLY B 508 -39.36 27.95 5.68
N PRO B 509 -39.65 29.03 6.40
CA PRO B 509 -38.63 30.05 6.67
C PRO B 509 -37.52 29.48 7.53
N CYS B 510 -36.33 30.07 7.36
CA CYS B 510 -35.13 29.62 8.08
C CYS B 510 -35.11 30.27 9.45
N THR B 511 -35.85 29.67 10.38
CA THR B 511 -35.94 30.17 11.75
C THR B 511 -35.77 29.00 12.71
N ALA B 512 -35.48 29.36 13.97
CA ALA B 512 -35.45 28.35 15.03
C ALA B 512 -36.78 27.61 15.10
N ALA B 513 -37.89 28.33 14.89
CA ALA B 513 -39.21 27.69 14.93
C ALA B 513 -39.29 26.52 13.95
N ASN B 514 -38.59 26.58 12.82
CA ASN B 514 -38.64 25.53 11.82
C ASN B 514 -37.50 24.53 11.92
N GLY B 515 -36.64 24.63 12.94
CA GLY B 515 -35.50 23.73 12.98
C GLY B 515 -34.54 23.92 11.83
N CYS B 516 -34.36 25.14 11.36
CA CYS B 516 -33.32 25.42 10.40
C CYS B 516 -31.98 25.40 11.12
N PRO B 517 -31.08 24.47 10.80
CA PRO B 517 -29.78 24.42 11.49
C PRO B 517 -28.95 25.67 11.28
N CYS B 518 -29.10 26.36 10.16
CA CYS B 518 -28.29 27.56 9.96
C CYS B 518 -28.69 28.65 10.94
N ALA B 519 -30.00 28.81 11.18
CA ALA B 519 -30.43 29.82 12.13
C ALA B 519 -30.09 29.42 13.56
N SER B 520 -30.15 28.13 13.88
CA SER B 520 -30.24 27.76 15.29
C SER B 520 -29.37 26.60 15.74
N ALA B 521 -28.68 25.86 14.86
CA ALA B 521 -27.93 24.69 15.34
C ALA B 521 -26.71 25.09 16.18
N GLY B 522 -26.21 26.31 16.00
CA GLY B 522 -25.02 26.76 16.68
C GLY B 522 -25.34 27.86 17.67
N THR B 523 -24.30 28.27 18.38
CA THR B 523 -24.46 29.31 19.39
C THR B 523 -25.05 30.57 18.79
N HIS B 524 -24.80 30.80 17.52
CA HIS B 524 -25.32 31.95 16.80
C HIS B 524 -25.75 31.46 15.43
N PRO B 525 -26.61 32.22 14.74
CA PRO B 525 -26.96 31.85 13.37
C PRO B 525 -25.77 31.99 12.43
N VAL B 526 -25.74 31.13 11.42
CA VAL B 526 -24.81 31.32 10.30
C VAL B 526 -25.61 31.54 9.04
N LEU B 527 -24.98 32.21 8.07
CA LEU B 527 -25.66 32.45 6.79
C LEU B 527 -26.04 31.14 6.12
N CYS B 528 -27.13 31.18 5.37
CA CYS B 528 -27.46 30.07 4.50
C CYS B 528 -26.56 30.10 3.26
N GLU B 529 -26.06 28.94 2.87
CA GLU B 529 -25.10 28.88 1.77
C GLU B 529 -25.76 28.34 0.52
N ARG B 530 -24.94 28.15 -0.52
CA ARG B 530 -25.46 27.88 -1.86
C ARG B 530 -26.13 26.51 -1.96
N PHE B 531 -25.88 25.61 -1.02
CA PHE B 531 -26.59 24.33 -1.06
C PHE B 531 -27.85 24.31 -0.23
N CYS B 532 -28.13 25.34 0.56
CA CYS B 532 -29.42 25.41 1.23
C CYS B 532 -30.52 25.59 0.18
N LEU B 533 -31.66 24.93 0.42
CA LEU B 533 -32.72 24.91 -0.56
C LEU B 533 -33.47 26.24 -0.64
N CYS B 534 -33.32 27.11 0.35
CA CYS B 534 -33.92 28.43 0.29
C CYS B 534 -33.26 29.28 -0.81
N THR B 535 -34.00 30.28 -1.27
CA THR B 535 -33.50 31.25 -2.25
C THR B 535 -33.22 32.58 -1.60
N ALA B 536 -32.40 33.40 -2.27
CA ALA B 536 -32.11 34.73 -1.75
C ALA B 536 -33.36 35.58 -1.66
N GLU B 537 -34.36 35.31 -2.50
CA GLU B 537 -35.63 36.05 -2.40
C GLU B 537 -36.30 35.80 -1.05
N GLU B 538 -36.39 34.53 -0.64
CA GLU B 538 -37.09 34.16 0.58
C GLU B 538 -36.29 34.48 1.83
N CYS B 539 -35.01 34.11 1.86
CA CYS B 539 -34.30 33.96 3.13
C CYS B 539 -33.36 35.13 3.40
N PRO B 540 -33.52 35.85 4.51
CA PRO B 540 -32.58 36.92 4.84
C PRO B 540 -31.25 36.45 5.41
N LEU B 541 -31.06 35.15 5.62
CA LEU B 541 -29.75 34.57 5.94
C LEU B 541 -28.96 34.16 4.71
N LYS B 542 -29.51 34.32 3.51
CA LYS B 542 -28.93 33.72 2.31
C LYS B 542 -27.76 34.56 1.82
N PHE B 543 -26.57 33.97 1.81
CA PHE B 543 -25.39 34.65 1.29
C PHE B 543 -25.53 34.90 -0.21
N THR B 544 -25.25 36.15 -0.65
CA THR B 544 -25.44 36.52 -2.06
C THR B 544 -24.18 37.09 -2.72
N GLY B 545 -22.97 36.85 -2.14
CA GLY B 545 -21.75 37.34 -2.75
C GLY B 545 -21.41 38.75 -2.32
N CYS B 546 -20.28 39.25 -2.83
CA CYS B 546 -19.90 40.63 -2.55
C CYS B 546 -20.25 41.51 -3.75
N ALA B 547 -20.27 42.82 -3.51
CA ALA B 547 -20.68 43.82 -4.48
C ALA B 547 -19.49 44.49 -5.16
N CYS B 548 -18.27 44.12 -4.80
CA CYS B 548 -17.10 44.83 -5.28
C CYS B 548 -17.02 44.82 -6.80
N HIS B 549 -16.59 45.95 -7.35
CA HIS B 549 -16.18 46.03 -8.74
C HIS B 549 -15.15 47.15 -8.86
N SER B 550 -14.17 46.95 -9.72
CA SER B 550 -13.14 47.96 -9.92
C SER B 550 -12.38 47.61 -11.17
N SER B 551 -12.05 48.65 -11.95
CA SER B 551 -11.09 48.45 -13.01
C SER B 551 -9.69 48.19 -12.48
N GLY B 552 -9.46 48.49 -11.19
CA GLY B 552 -8.24 48.13 -10.49
C GLY B 552 -8.44 46.91 -9.62
N LYS B 553 -7.50 46.70 -8.69
CA LYS B 553 -7.59 45.56 -7.78
C LYS B 553 -8.68 45.78 -6.76
N THR B 554 -9.42 44.71 -6.43
CA THR B 554 -10.49 44.82 -5.45
C THR B 554 -10.64 43.47 -4.72
N CYS B 555 -11.65 43.41 -3.84
CA CYS B 555 -11.81 42.33 -2.86
C CYS B 555 -10.52 42.13 -2.06
N LEU B 556 -10.04 43.22 -1.49
CA LEU B 556 -8.75 43.26 -0.80
C LEU B 556 -8.95 43.32 0.71
N GLN B 557 -7.91 42.88 1.43
CA GLN B 557 -7.96 42.84 2.89
C GLN B 557 -8.17 44.23 3.49
N ARG B 558 -7.56 45.25 2.89
CA ARG B 558 -7.66 46.63 3.38
C ARG B 558 -8.18 47.48 2.23
N GLN B 559 -9.49 47.46 2.01
CA GLN B 559 -10.03 48.01 0.78
C GLN B 559 -9.97 49.54 0.79
N ARG B 560 -9.46 50.10 -0.32
CA ARG B 560 -9.43 51.55 -0.49
C ARG B 560 -10.80 52.13 -0.79
N GLU B 561 -11.75 51.28 -1.19
CA GLU B 561 -13.03 51.77 -1.71
C GLU B 561 -13.82 52.54 -0.67
N GLY B 562 -13.64 52.24 0.61
CA GLY B 562 -14.51 52.78 1.63
C GLY B 562 -15.75 51.95 1.87
N ARG B 563 -16.01 50.98 1.01
CA ARG B 563 -16.96 49.90 1.28
C ARG B 563 -16.18 48.59 1.25
N PRO B 564 -16.12 47.84 2.34
CA PRO B 564 -15.28 46.64 2.36
C PRO B 564 -15.92 45.48 1.62
N CYS B 565 -15.07 44.51 1.29
CA CYS B 565 -15.53 43.28 0.68
C CYS B 565 -16.11 42.37 1.76
N ILE B 566 -17.40 42.06 1.64
CA ILE B 566 -18.03 41.20 2.64
C ILE B 566 -17.39 39.81 2.66
N CYS B 567 -16.94 39.33 1.51
CA CYS B 567 -16.29 38.02 1.45
C CYS B 567 -15.02 38.01 2.29
N VAL B 568 -14.15 39.02 2.11
CA VAL B 568 -12.96 39.15 2.94
C VAL B 568 -13.33 39.24 4.41
N GLN B 569 -14.34 40.06 4.74
CA GLN B 569 -14.79 40.20 6.12
C GLN B 569 -15.22 38.87 6.71
N LEU B 570 -15.85 38.01 5.90
CA LEU B 570 -16.31 36.72 6.38
C LEU B 570 -15.24 35.63 6.33
N ASN B 571 -13.98 35.98 6.07
CA ASN B 571 -12.90 34.98 5.94
C ASN B 571 -13.28 33.88 4.95
N ARG B 572 -13.70 34.30 3.77
CA ARG B 572 -14.03 33.37 2.69
C ARG B 572 -13.53 33.95 1.38
N GLU B 573 -13.27 33.08 0.42
CA GLU B 573 -12.91 33.56 -0.89
C GLU B 573 -14.17 33.84 -1.70
N CYS B 574 -14.01 34.63 -2.76
CA CYS B 574 -15.18 34.96 -3.57
C CYS B 574 -15.69 33.72 -4.30
N ASP B 575 -16.99 33.74 -4.57
CA ASP B 575 -17.71 32.64 -5.21
C ASP B 575 -17.84 32.95 -6.70
N PRO B 576 -17.35 32.09 -7.60
CA PRO B 576 -17.33 32.44 -9.04
C PRO B 576 -18.69 32.73 -9.62
N THR B 577 -19.75 32.20 -9.01
CA THR B 577 -21.10 32.45 -9.46
C THR B 577 -21.71 33.67 -8.79
N LEU B 578 -21.56 33.82 -7.47
CA LEU B 578 -22.28 34.87 -6.76
C LEU B 578 -21.59 36.22 -6.82
N CYS B 579 -20.26 36.25 -6.83
CA CYS B 579 -19.52 37.51 -6.83
C CYS B 579 -19.36 37.95 -8.29
N LYS B 580 -20.36 38.68 -8.79
CA LYS B 580 -20.43 38.96 -10.22
C LYS B 580 -19.64 40.19 -10.64
N GLY B 581 -19.43 41.14 -9.74
CA GLY B 581 -18.82 42.39 -10.17
C GLY B 581 -17.30 42.36 -10.18
N CYS B 582 -16.68 41.49 -9.40
CA CYS B 582 -15.23 41.59 -9.21
C CYS B 582 -14.42 40.79 -10.21
N GLY B 583 -15.06 39.97 -11.05
CA GLY B 583 -14.34 39.17 -12.00
C GLY B 583 -13.84 37.86 -11.44
N ALA B 584 -14.38 37.45 -10.29
CA ALA B 584 -14.06 36.14 -9.72
C ALA B 584 -14.41 35.02 -10.68
N ARG B 585 -15.44 35.22 -11.51
CA ARG B 585 -15.82 34.18 -12.47
C ARG B 585 -14.63 33.78 -13.32
N GLU B 586 -13.84 34.75 -13.78
CA GLU B 586 -12.66 34.43 -14.58
C GLU B 586 -11.44 34.11 -13.72
N ARG B 587 -11.30 34.78 -12.57
CA ARG B 587 -10.08 34.67 -11.79
C ARG B 587 -10.03 33.42 -10.91
N ALA B 588 -11.19 32.85 -10.54
CA ALA B 588 -11.24 31.58 -9.83
C ALA B 588 -11.16 30.38 -10.77
N ASP B 589 -10.88 30.61 -12.04
CA ASP B 589 -10.84 29.55 -13.04
C ASP B 589 -9.39 29.11 -13.21
N PRO B 590 -9.01 27.91 -12.78
CA PRO B 590 -7.60 27.50 -12.90
C PRO B 590 -7.06 27.61 -14.32
N GLU B 591 -7.92 27.52 -15.34
CA GLU B 591 -7.45 27.69 -16.71
C GLU B 591 -6.91 29.09 -16.97
N ASN B 592 -7.21 30.08 -16.12
CA ASN B 592 -6.60 31.40 -16.27
C ASN B 592 -5.54 31.68 -15.21
N ALA B 593 -5.01 30.63 -14.56
CA ALA B 593 -4.17 30.84 -13.38
C ALA B 593 -2.92 31.66 -13.66
N TYR B 594 -2.39 31.58 -14.90
CA TYR B 594 -1.14 32.28 -15.22
C TYR B 594 -1.37 33.46 -16.15
N ASP B 595 -2.62 33.92 -16.27
CA ASP B 595 -2.93 35.15 -17.00
C ASP B 595 -2.64 36.30 -16.05
N GLU B 596 -1.37 36.72 -16.02
CA GLU B 596 -0.96 37.77 -15.09
C GLU B 596 -1.66 39.10 -15.35
N VAL B 597 -2.01 39.39 -16.62
CA VAL B 597 -2.70 40.64 -16.90
C VAL B 597 -4.08 40.62 -16.25
N LEU B 598 -4.81 39.51 -16.43
CA LEU B 598 -6.10 39.35 -15.78
C LEU B 598 -5.99 39.56 -14.27
N HIS B 599 -5.03 38.89 -13.63
CA HIS B 599 -4.97 38.89 -12.18
C HIS B 599 -4.39 40.18 -11.60
N SER B 600 -3.85 41.07 -12.45
CA SER B 600 -3.33 42.35 -11.99
C SER B 600 -4.43 43.33 -11.59
N THR B 601 -5.70 43.05 -11.93
CA THR B 601 -6.82 43.85 -11.50
C THR B 601 -7.94 42.92 -11.03
N GLY B 602 -9.06 43.51 -10.64
CA GLY B 602 -10.24 42.75 -10.26
C GLY B 602 -9.99 41.94 -8.99
N CYS B 603 -10.77 40.86 -8.82
CA CYS B 603 -10.79 40.15 -7.55
C CYS B 603 -9.42 39.63 -7.16
N GLN B 604 -8.97 40.03 -5.98
CA GLN B 604 -7.76 39.50 -5.37
C GLN B 604 -8.07 38.50 -4.27
N ASN B 605 -9.27 37.91 -4.26
CA ASN B 605 -9.71 37.04 -3.17
C ASN B 605 -10.10 35.64 -3.69
N VAL B 606 -9.36 35.11 -4.67
CA VAL B 606 -9.64 33.76 -5.14
C VAL B 606 -8.34 32.97 -5.28
N ALA B 607 -7.32 33.32 -4.50
CA ALA B 607 -5.99 32.74 -4.71
C ALA B 607 -5.99 31.23 -4.54
N LEU B 608 -6.76 30.73 -3.58
CA LEU B 608 -6.78 29.29 -3.38
C LEU B 608 -7.41 28.59 -4.58
N GLN B 609 -8.48 29.19 -5.14
CA GLN B 609 -9.10 28.61 -6.33
C GLN B 609 -8.20 28.77 -7.55
N ARG B 610 -7.56 29.93 -7.69
CA ARG B 610 -6.63 30.14 -8.80
C ARG B 610 -5.58 29.04 -8.85
N GLY B 611 -5.09 28.62 -7.68
CA GLY B 611 -4.22 27.47 -7.56
C GLY B 611 -2.78 27.71 -7.93
N ALA B 612 -2.37 28.96 -8.10
CA ALA B 612 -1.00 29.32 -8.46
C ALA B 612 -0.23 29.70 -7.21
N ALA B 613 0.86 29.01 -6.94
CA ALA B 613 1.71 29.33 -5.81
C ALA B 613 2.90 30.16 -6.29
N LYS B 614 3.46 30.93 -5.37
CA LYS B 614 4.76 31.56 -5.63
C LYS B 614 5.81 30.47 -5.84
N ALA B 615 6.86 30.81 -6.59
CA ALA B 615 7.96 29.87 -6.79
C ALA B 615 8.72 29.70 -5.48
N VAL B 616 8.92 28.45 -5.05
CA VAL B 616 9.60 28.13 -3.81
C VAL B 616 10.53 26.95 -4.07
N VAL B 617 11.45 26.72 -3.15
CA VAL B 617 12.46 25.68 -3.36
C VAL B 617 12.84 25.08 -2.02
N LEU B 618 12.89 23.75 -1.97
CA LEU B 618 13.25 23.03 -0.76
C LEU B 618 14.74 23.16 -0.47
N GLY B 619 15.09 23.29 0.81
CA GLY B 619 16.50 23.31 1.15
C GLY B 619 16.76 22.92 2.58
N LYS B 620 18.05 22.91 2.94
CA LYS B 620 18.45 22.78 4.33
C LYS B 620 18.18 24.08 5.07
N SER B 621 17.44 24.01 6.16
CA SER B 621 17.09 25.21 6.88
C SER B 621 18.32 25.88 7.48
N GLN B 622 18.25 27.21 7.64
CA GLN B 622 19.30 27.98 8.32
C GLN B 622 19.30 27.72 9.81
N LEU B 623 18.14 27.39 10.38
CA LEU B 623 18.06 27.12 11.81
C LEU B 623 18.78 25.81 12.09
N GLU B 624 19.87 25.88 12.86
CA GLU B 624 20.42 24.67 13.44
C GLU B 624 19.32 23.98 14.23
N ALA B 625 19.31 22.65 14.19
CA ALA B 625 18.34 21.78 14.85
C ALA B 625 17.06 21.63 14.03
N CYS B 626 16.83 22.45 13.01
CA CYS B 626 15.88 22.10 11.97
C CYS B 626 16.60 21.33 10.88
N GLY B 627 15.85 20.54 10.12
CA GLY B 627 16.36 19.85 8.96
C GLY B 627 16.08 20.66 7.71
N TYR B 628 14.96 20.34 7.05
CA TYR B 628 14.54 21.06 5.86
C TYR B 628 13.87 22.38 6.21
N GLY B 629 13.95 23.32 5.25
CA GLY B 629 13.14 24.52 5.26
C GLY B 629 12.73 24.82 3.83
N LEU B 630 11.88 25.83 3.67
CA LEU B 630 11.40 26.24 2.37
C LEU B 630 11.87 27.66 2.09
N PHE B 631 12.34 27.89 0.86
CA PHE B 631 12.94 29.15 0.46
C PHE B 631 12.18 29.76 -0.70
N ALA B 632 12.00 31.08 -0.66
CA ALA B 632 11.49 31.79 -1.83
C ALA B 632 12.42 31.57 -3.01
N ALA B 633 11.83 31.29 -4.17
CA ALA B 633 12.56 31.29 -5.43
C ALA B 633 12.24 32.49 -6.31
N GLU B 634 11.40 33.41 -5.83
CA GLU B 634 11.16 34.68 -6.54
C GLU B 634 10.82 35.71 -5.49
N ASP B 635 10.93 36.99 -5.86
CA ASP B 635 10.52 38.05 -4.96
C ASP B 635 9.03 37.96 -4.66
N ILE B 636 8.67 38.18 -3.39
CA ILE B 636 7.29 38.14 -2.94
C ILE B 636 7.00 39.45 -2.23
N GLU B 637 5.91 40.11 -2.61
CA GLU B 637 5.51 41.37 -2.02
C GLU B 637 4.58 41.12 -0.84
N GLU B 638 4.62 42.03 0.14
CA GLU B 638 3.75 41.90 1.29
C GLU B 638 2.29 41.84 0.82
N GLY B 639 1.51 40.97 1.44
CA GLY B 639 0.12 40.79 1.07
C GLY B 639 -0.15 39.77 -0.03
N GLU B 640 0.88 39.24 -0.69
CA GLU B 640 0.64 38.26 -1.74
C GLU B 640 0.39 36.87 -1.15
N PHE B 641 -0.48 36.11 -1.83
CA PHE B 641 -0.65 34.69 -1.56
C PHE B 641 0.64 33.94 -1.89
N VAL B 642 1.08 33.07 -1.01
CA VAL B 642 2.32 32.32 -1.19
C VAL B 642 2.06 30.87 -1.59
N ILE B 643 1.27 30.15 -0.80
CA ILE B 643 1.11 28.71 -0.97
C ILE B 643 -0.05 28.25 -0.10
N GLU B 644 -0.62 27.10 -0.44
CA GLU B 644 -1.64 26.45 0.39
C GLU B 644 -1.03 25.33 1.23
N TYR B 645 -1.52 25.15 2.45
CA TYR B 645 -1.14 24.00 3.28
C TYR B 645 -2.05 22.82 2.97
N THR B 646 -1.54 21.83 2.25
CA THR B 646 -2.35 20.67 1.95
C THR B 646 -1.88 19.46 2.76
N GLY B 647 -2.76 18.47 2.85
CA GLY B 647 -2.44 17.22 3.51
C GLY B 647 -3.68 16.35 3.62
N GLU B 648 -3.56 15.32 4.45
CA GLU B 648 -4.67 14.42 4.70
C GLU B 648 -5.58 14.99 5.77
N LEU B 649 -6.89 14.95 5.54
CA LEU B 649 -7.88 15.41 6.52
C LEU B 649 -8.17 14.26 7.47
N ILE B 650 -7.92 14.47 8.76
CA ILE B 650 -8.09 13.38 9.73
C ILE B 650 -8.87 13.86 10.94
N SER B 651 -9.45 12.91 11.65
CA SER B 651 -10.11 13.17 12.91
C SER B 651 -9.10 13.22 14.06
N HIS B 652 -9.59 13.69 15.21
CA HIS B 652 -8.77 13.75 16.42
C HIS B 652 -8.23 12.38 16.81
N ASP B 653 -9.11 11.36 16.83
CA ASP B 653 -8.67 10.03 17.24
C ASP B 653 -7.65 9.47 16.25
N GLU B 654 -7.86 9.70 14.95
CA GLU B 654 -6.88 9.25 13.97
C GLU B 654 -5.55 9.97 14.18
N GLY B 655 -5.59 11.25 14.56
CA GLY B 655 -4.35 11.95 14.86
C GLY B 655 -3.60 11.34 16.03
N VAL B 656 -4.33 10.97 17.09
CA VAL B 656 -3.71 10.32 18.24
C VAL B 656 -3.11 8.97 17.84
N ARG B 657 -3.86 8.15 17.09
CA ARG B 657 -3.32 6.87 16.66
C ARG B 657 -2.06 7.06 15.85
N ARG B 658 -2.05 8.07 14.95
CA ARG B 658 -0.89 8.25 14.09
C ARG B 658 0.33 8.67 14.91
N ALA B 659 0.15 9.61 15.86
CA ALA B 659 1.26 10.00 16.71
C ALA B 659 1.86 8.80 17.45
N HIS B 660 1.00 7.90 17.94
CA HIS B 660 1.49 6.73 18.64
C HIS B 660 2.18 5.75 17.69
N ARG B 661 1.63 5.56 16.49
CA ARG B 661 2.28 4.68 15.52
C ARG B 661 3.63 5.24 15.06
N ARG B 662 3.81 6.56 15.16
CA ARG B 662 5.05 7.19 14.71
C ARG B 662 6.11 7.32 15.82
N GLY B 663 5.76 7.01 17.07
CA GLY B 663 6.70 6.97 18.17
C GLY B 663 6.71 8.20 19.04
N ASP B 664 6.07 9.28 18.61
CA ASP B 664 6.28 10.61 19.19
C ASP B 664 5.93 10.65 20.66
N VAL B 665 4.71 10.25 21.02
CA VAL B 665 4.30 10.25 22.41
C VAL B 665 4.88 9.05 23.15
N VAL B 672 7.27 16.02 17.15
CA VAL B 672 7.71 15.58 15.84
C VAL B 672 6.47 15.23 14.97
N SER B 673 5.27 15.19 15.59
CA SER B 673 4.01 15.01 14.86
C SER B 673 3.28 16.36 14.74
N TYR B 674 3.23 16.89 13.53
CA TYR B 674 2.64 18.21 13.27
C TYR B 674 1.30 18.05 12.57
N LEU B 675 0.22 18.39 13.27
CA LEU B 675 -1.14 18.28 12.78
C LEU B 675 -1.77 19.67 12.79
N PHE B 676 -2.02 20.21 11.59
CA PHE B 676 -2.54 21.59 11.46
C PHE B 676 -4.03 21.58 11.74
N THR B 677 -4.45 22.35 12.73
CA THR B 677 -5.87 22.41 13.05
C THR B 677 -6.63 23.12 11.95
N LEU B 678 -7.56 22.42 11.30
CA LEU B 678 -8.36 23.06 10.26
C LEU B 678 -9.66 23.61 10.83
N LEU B 679 -10.46 22.75 11.47
CA LEU B 679 -11.71 23.17 12.12
C LEU B 679 -11.65 22.61 13.53
N GLU B 680 -11.31 23.48 14.49
CA GLU B 680 -11.06 22.99 15.84
C GLU B 680 -12.29 22.32 16.43
N GLN B 681 -13.43 23.03 16.40
CA GLN B 681 -14.63 22.52 17.05
C GLN B 681 -15.13 21.27 16.36
N GLU B 682 -15.13 21.25 15.02
CA GLU B 682 -15.59 20.08 14.30
C GLU B 682 -14.62 18.90 14.46
N GLY B 683 -13.35 19.18 14.74
CA GLY B 683 -12.37 18.13 14.92
C GLY B 683 -11.77 17.61 13.62
N ILE B 684 -11.22 18.52 12.81
CA ILE B 684 -10.59 18.19 11.54
C ILE B 684 -9.18 18.77 11.53
N TRP B 685 -8.18 17.92 11.32
CA TRP B 685 -6.79 18.30 11.25
C TRP B 685 -6.23 17.95 9.88
N VAL B 686 -5.19 18.65 9.47
CA VAL B 686 -4.51 18.41 8.21
C VAL B 686 -3.15 17.81 8.52
N ASP B 687 -2.89 16.61 7.99
CA ASP B 687 -1.65 15.88 8.27
C ASP B 687 -0.85 15.78 6.99
N ALA B 688 0.30 16.47 6.96
CA ALA B 688 1.18 16.51 5.81
C ALA B 688 2.41 15.62 5.96
N ALA B 689 2.40 14.68 6.92
CA ALA B 689 3.58 13.84 7.14
C ALA B 689 3.95 13.04 5.91
N ILE B 690 2.97 12.68 5.07
CA ILE B 690 3.22 11.85 3.90
C ILE B 690 2.77 12.55 2.61
N TYR B 691 1.52 13.01 2.59
CA TYR B 691 0.92 13.69 1.46
C TYR B 691 0.67 15.15 1.83
N GLY B 692 1.02 16.05 0.92
CA GLY B 692 0.88 17.48 1.16
C GLY B 692 1.59 18.20 0.04
N ASN B 693 2.27 19.30 0.34
CA ASN B 693 3.12 19.96 -0.66
C ASN B 693 4.30 20.59 0.08
N LEU B 694 5.02 21.49 -0.59
CA LEU B 694 6.25 22.01 0.00
C LEU B 694 6.00 22.86 1.23
N SER B 695 4.76 23.33 1.44
CA SER B 695 4.47 24.10 2.63
C SER B 695 4.75 23.33 3.92
N ARG B 696 4.78 21.99 3.86
CA ARG B 696 5.02 21.20 5.06
C ARG B 696 6.42 21.41 5.63
N TYR B 697 7.33 21.98 4.84
CA TYR B 697 8.69 22.18 5.31
C TYR B 697 8.92 23.56 5.90
N ILE B 698 7.95 24.48 5.83
CA ILE B 698 8.16 25.82 6.36
C ILE B 698 8.34 25.76 7.86
N ASN B 699 9.39 26.40 8.35
CA ASN B 699 9.77 26.30 9.75
C ASN B 699 9.12 27.39 10.60
N HIS B 700 9.17 27.17 11.91
CA HIS B 700 8.64 28.11 12.88
C HIS B 700 9.62 29.25 13.15
N ALA B 701 9.11 30.48 13.18
CA ALA B 701 9.80 31.62 13.79
C ALA B 701 8.77 32.54 14.45
N THR B 702 9.19 33.20 15.53
CA THR B 702 8.34 34.16 16.21
C THR B 702 8.02 35.35 15.31
N ASP B 703 9.01 35.88 14.61
CA ASP B 703 8.78 36.95 13.65
C ASP B 703 8.84 36.33 12.26
N GLY B 704 7.75 35.67 11.88
CA GLY B 704 7.68 35.06 10.56
C GLY B 704 7.55 36.11 9.46
N ASN B 705 7.73 35.65 8.23
CA ASN B 705 7.46 36.49 7.09
C ASN B 705 6.21 36.08 6.33
N ILE B 706 5.54 35.00 6.74
CA ILE B 706 4.24 34.64 6.20
C ILE B 706 3.32 34.28 7.35
N MET B 707 2.03 34.19 7.02
CA MET B 707 0.94 34.12 7.97
C MET B 707 -0.10 33.15 7.43
N PRO B 708 -0.44 32.08 8.17
CA PRO B 708 -1.52 31.20 7.73
C PRO B 708 -2.89 31.77 8.06
N LYS B 709 -3.88 31.38 7.26
CA LYS B 709 -5.25 31.77 7.55
C LYS B 709 -6.18 30.67 7.04
N ILE B 710 -7.18 30.31 7.84
CA ILE B 710 -8.17 29.34 7.40
C ILE B 710 -9.29 30.08 6.68
N MET B 711 -9.63 29.60 5.48
CA MET B 711 -10.59 30.26 4.62
C MET B 711 -11.71 29.31 4.25
N TYR B 712 -12.93 29.86 4.15
CA TYR B 712 -14.04 29.14 3.55
C TYR B 712 -13.98 29.31 2.04
N VAL B 713 -13.98 28.20 1.31
CA VAL B 713 -13.79 28.28 -0.14
C VAL B 713 -14.81 27.37 -0.83
N ASN B 714 -15.99 27.90 -1.15
CA ASN B 714 -17.00 27.13 -1.88
C ASN B 714 -17.42 25.89 -1.10
N HIS B 715 -17.51 26.04 0.21
CA HIS B 715 -17.92 24.97 1.13
C HIS B 715 -16.83 23.94 1.36
N GLU B 716 -15.58 24.29 1.09
CA GLU B 716 -14.41 23.63 1.66
C GLU B 716 -13.70 24.64 2.55
N TRP B 717 -13.06 24.14 3.62
CA TRP B 717 -12.18 24.96 4.44
C TRP B 717 -10.75 24.61 4.09
N ARG B 718 -9.94 25.64 3.83
CA ARG B 718 -8.59 25.46 3.32
C ARG B 718 -7.65 26.45 4.00
N ILE B 719 -6.35 26.14 3.98
CA ILE B 719 -5.33 26.95 4.64
C ILE B 719 -4.48 27.65 3.59
N LYS B 720 -4.49 28.98 3.58
CA LYS B 720 -3.56 29.75 2.77
C LYS B 720 -2.51 30.44 3.63
N PHE B 721 -1.37 30.73 3.02
CA PHE B 721 -0.31 31.54 3.62
C PHE B 721 -0.18 32.83 2.83
N THR B 722 -0.05 33.96 3.53
CA THR B 722 0.13 35.26 2.89
C THR B 722 1.40 35.91 3.42
N ALA B 723 2.17 36.54 2.52
CA ALA B 723 3.35 37.27 2.95
C ALA B 723 2.96 38.45 3.82
N ILE B 724 3.64 38.60 4.95
CA ILE B 724 3.48 39.76 5.83
C ILE B 724 4.69 40.69 5.77
N LYS B 725 5.72 40.33 5.01
CA LYS B 725 6.82 41.20 4.67
C LYS B 725 7.11 41.00 3.20
N ASP B 726 7.80 41.98 2.60
CA ASP B 726 8.49 41.72 1.34
C ASP B 726 9.52 40.63 1.55
N ILE B 727 9.59 39.69 0.61
CA ILE B 727 10.51 38.56 0.72
C ILE B 727 11.30 38.51 -0.56
N LYS B 728 12.61 38.38 -0.44
CA LYS B 728 13.48 38.31 -1.61
C LYS B 728 13.71 36.86 -1.98
N ALA B 729 13.87 36.63 -3.29
CA ALA B 729 14.29 35.31 -3.74
C ALA B 729 15.51 34.85 -2.97
N GLY B 730 15.51 33.58 -2.56
CA GLY B 730 16.57 33.01 -1.76
C GLY B 730 16.37 33.08 -0.26
N GLU B 731 15.43 33.88 0.22
CA GLU B 731 15.19 33.97 1.66
C GLU B 731 14.28 32.84 2.13
N GLU B 732 14.58 32.32 3.33
CA GLU B 732 13.79 31.25 3.91
C GLU B 732 12.45 31.77 4.41
N LEU B 733 11.40 30.97 4.23
CA LEU B 733 10.08 31.35 4.72
C LEU B 733 9.91 30.84 6.14
N PHE B 734 9.19 31.62 6.95
CA PHE B 734 8.85 31.23 8.32
C PHE B 734 7.47 31.76 8.68
N PHE B 735 6.74 31.01 9.50
CA PHE B 735 5.57 31.56 10.16
C PHE B 735 5.59 31.16 11.63
N ASN B 736 4.82 31.88 12.43
CA ASN B 736 4.67 31.58 13.85
C ASN B 736 3.69 30.42 14.00
N TYR B 737 4.19 29.26 14.45
CA TYR B 737 3.30 28.11 14.59
C TYR B 737 2.10 28.42 15.49
N GLY B 738 2.25 29.38 16.40
CA GLY B 738 1.16 29.75 17.28
C GLY B 738 0.55 28.53 17.95
N ASP B 739 -0.78 28.46 17.95
CA ASP B 739 -1.50 27.30 18.44
C ASP B 739 -2.02 26.39 17.33
N ASN B 740 -1.43 26.48 16.13
CA ASN B 740 -1.98 25.75 14.99
C ASN B 740 -1.73 24.24 15.07
N PHE B 741 -0.72 23.79 15.82
CA PHE B 741 -0.33 22.38 15.88
C PHE B 741 -0.44 21.88 17.32
N PRO B 742 -1.64 21.51 17.76
CA PRO B 742 -1.79 21.05 19.15
C PRO B 742 -1.20 19.66 19.33
N ASN B 743 -0.63 19.44 20.52
CA ASN B 743 -0.25 18.09 20.94
C ASN B 743 -1.51 17.36 21.41
N LEU B 744 -2.00 16.43 20.59
CA LEU B 744 -3.35 15.87 20.80
C LEU B 744 -3.40 14.89 21.97
N THR B 745 -2.31 14.16 22.23
CA THR B 745 -2.31 13.24 23.36
C THR B 745 -2.20 13.97 24.69
N LYS B 746 -1.37 15.02 24.75
CA LYS B 746 -1.24 15.83 25.96
C LYS B 746 -2.50 16.61 26.31
N LYS B 747 -3.49 16.65 25.42
CA LYS B 747 -4.79 17.25 25.73
C LYS B 747 -5.84 16.15 25.89
N ARG B 795 11.95 36.58 -17.53
CA ARG B 795 11.58 36.22 -16.17
C ARG B 795 11.39 34.71 -15.94
N PRO B 796 12.37 33.89 -16.34
CA PRO B 796 12.24 32.44 -16.11
C PRO B 796 12.55 32.09 -14.66
N LEU B 797 11.99 30.98 -14.21
CA LEU B 797 12.12 30.62 -12.80
C LEU B 797 13.44 29.89 -12.59
N LEU B 798 14.27 30.42 -11.69
CA LEU B 798 15.62 29.92 -11.48
C LEU B 798 15.81 29.47 -10.03
N VAL B 799 16.70 28.50 -9.84
CA VAL B 799 17.24 28.20 -8.52
C VAL B 799 17.95 29.43 -7.99
N PRO B 800 17.60 29.95 -6.83
CA PRO B 800 18.23 31.18 -6.32
C PRO B 800 19.58 30.89 -5.69
N LYS B 801 20.36 31.96 -5.52
CA LYS B 801 21.60 31.91 -4.75
C LYS B 801 21.30 31.98 -3.26
N THR B 802 21.79 30.99 -2.52
CA THR B 802 21.66 30.97 -1.06
C THR B 802 22.92 30.33 -0.52
N THR B 803 23.14 30.52 0.77
CA THR B 803 24.24 29.80 1.43
C THR B 803 23.87 28.34 1.68
N GLN B 804 22.58 28.06 1.85
CA GLN B 804 22.07 26.72 2.17
C GLN B 804 22.02 25.86 0.92
N PRO B 805 22.34 24.58 1.03
CA PRO B 805 22.09 23.67 -0.10
C PRO B 805 20.59 23.55 -0.37
N LEU B 806 20.24 23.43 -1.64
CA LEU B 806 18.86 23.27 -2.10
C LEU B 806 18.73 21.95 -2.83
N PHE B 807 17.51 21.40 -2.84
CA PHE B 807 17.28 20.02 -3.26
C PHE B 807 16.07 19.91 -4.18
N ASP B 808 16.16 19.04 -5.18
CA ASP B 808 14.96 18.61 -5.86
C ASP B 808 14.11 17.79 -4.88
N PRO B 809 12.82 18.07 -4.72
CA PRO B 809 12.07 17.38 -3.65
C PRO B 809 11.95 15.87 -3.86
N LEU B 810 12.04 15.38 -5.10
CA LEU B 810 11.87 13.96 -5.40
C LEU B 810 13.21 13.22 -5.52
N SER B 811 14.09 13.69 -6.41
CA SER B 811 15.38 13.04 -6.52
C SER B 811 16.32 13.38 -5.37
N LYS B 812 16.04 14.45 -4.62
CA LYS B 812 16.94 14.94 -3.58
C LYS B 812 18.31 15.32 -4.12
N VAL B 813 18.46 15.39 -5.45
CA VAL B 813 19.66 15.94 -6.06
C VAL B 813 19.86 17.37 -5.61
N GLN B 814 21.11 17.77 -5.42
CA GLN B 814 21.38 19.16 -5.03
C GLN B 814 21.23 20.08 -6.23
N LEU B 815 20.51 21.17 -6.05
CA LEU B 815 20.24 22.14 -7.10
C LEU B 815 21.36 23.19 -7.15
N LEU B 816 21.66 23.67 -8.36
CA LEU B 816 22.68 24.71 -8.47
C LEU B 816 22.06 26.06 -8.86
N PRO B 817 22.55 27.16 -8.27
CA PRO B 817 22.00 28.48 -8.56
C PRO B 817 22.00 28.79 -10.05
N GLY B 818 20.92 29.42 -10.53
CA GLY B 818 20.82 29.77 -11.94
C GLY B 818 20.34 28.66 -12.84
N GLN B 819 20.27 27.42 -12.35
CA GLN B 819 19.61 26.37 -13.11
C GLN B 819 18.11 26.65 -13.16
N PRO B 820 17.42 26.14 -14.19
CA PRO B 820 15.95 26.17 -14.16
C PRO B 820 15.40 25.56 -12.88
N LEU B 821 14.43 26.22 -12.27
CA LEU B 821 13.86 25.69 -11.05
C LEU B 821 13.00 24.47 -11.39
N PRO B 822 13.18 23.34 -10.70
CA PRO B 822 12.34 22.17 -11.01
C PRO B 822 10.91 22.43 -10.56
N GLN B 823 9.98 22.13 -11.45
CA GLN B 823 8.54 22.20 -11.11
C GLN B 823 7.89 20.98 -11.75
N HIS B 824 7.79 19.91 -10.98
CA HIS B 824 7.35 18.63 -11.52
C HIS B 824 5.82 18.57 -11.49
N PRO B 825 5.19 18.14 -12.56
CA PRO B 825 3.73 18.03 -12.54
C PRO B 825 3.28 17.02 -11.49
N ILE B 826 2.09 17.26 -10.94
CA ILE B 826 1.61 16.45 -9.83
C ILE B 826 1.18 15.08 -10.36
N ASP B 827 1.75 14.06 -9.77
CA ASP B 827 1.50 12.66 -10.11
C ASP B 827 0.26 12.21 -9.35
N ASP B 828 -0.86 12.00 -10.05
CA ASP B 828 -2.12 11.72 -9.36
C ASP B 828 -2.70 10.33 -9.65
N SER B 829 -2.03 9.49 -10.43
CA SER B 829 -2.66 8.25 -10.87
C SER B 829 -2.89 7.31 -9.70
N TRP B 830 -2.03 7.35 -8.68
CA TRP B 830 -2.24 6.53 -7.49
C TRP B 830 -3.54 6.91 -6.78
N LEU B 831 -3.92 8.18 -6.83
CA LEU B 831 -5.11 8.63 -6.12
C LEU B 831 -6.37 8.34 -6.91
N LEU B 832 -6.30 8.51 -8.23
CA LEU B 832 -7.39 8.05 -9.08
C LEU B 832 -7.63 6.55 -8.91
N LEU B 833 -6.56 5.77 -8.73
CA LEU B 833 -6.77 4.34 -8.56
C LEU B 833 -7.50 4.03 -7.27
N LYS B 834 -7.15 4.72 -6.18
CA LYS B 834 -7.86 4.50 -4.92
C LYS B 834 -9.35 4.81 -5.06
N HIS B 835 -9.70 5.89 -5.76
CA HIS B 835 -11.10 6.27 -5.91
C HIS B 835 -11.84 5.32 -6.83
N ARG B 836 -11.16 4.80 -7.86
CA ARG B 836 -11.78 3.78 -8.70
C ARG B 836 -12.08 2.52 -7.89
N ASP B 837 -11.10 2.07 -7.09
CA ASP B 837 -11.25 0.86 -6.28
C ASP B 837 -12.30 1.03 -5.18
N ASN B 838 -12.41 2.23 -4.61
CA ASN B 838 -13.47 2.49 -3.63
C ASN B 838 -14.84 2.18 -4.20
N LEU B 839 -15.11 2.61 -5.44
CA LEU B 839 -16.40 2.32 -6.07
C LEU B 839 -16.53 0.83 -6.39
N GLN B 840 -15.44 0.22 -6.86
CA GLN B 840 -15.46 -1.19 -7.23
C GLN B 840 -15.86 -2.08 -6.06
N ASP B 841 -15.66 -1.62 -4.84
CA ASP B 841 -15.89 -2.41 -3.65
C ASP B 841 -17.32 -2.37 -3.13
N PHE B 842 -18.17 -1.51 -3.69
CA PHE B 842 -19.55 -1.48 -3.22
C PHE B 842 -20.25 -2.77 -3.63
N ILE B 843 -20.94 -3.39 -2.66
CA ILE B 843 -21.55 -4.68 -2.95
C ILE B 843 -22.88 -4.48 -3.68
N ASP B 844 -23.53 -3.34 -3.50
CA ASP B 844 -24.86 -3.10 -4.04
C ASP B 844 -24.85 -2.28 -5.34
N LEU B 845 -23.69 -2.06 -5.94
CA LEU B 845 -23.62 -1.43 -7.25
C LEU B 845 -23.48 -2.51 -8.30
N ARG B 846 -24.28 -2.40 -9.36
CA ARG B 846 -24.18 -3.35 -10.46
C ARG B 846 -22.98 -3.01 -11.36
N PRO B 847 -22.40 -4.00 -12.03
CA PRO B 847 -21.22 -3.73 -12.86
C PRO B 847 -21.42 -2.61 -13.87
N GLU B 848 -22.62 -2.50 -14.44
CA GLU B 848 -22.89 -1.44 -15.41
C GLU B 848 -22.78 -0.07 -14.77
N GLU B 849 -23.23 0.06 -13.50
CA GLU B 849 -23.15 1.33 -12.79
C GLU B 849 -21.72 1.70 -12.43
N LYS B 850 -20.98 0.73 -11.87
CA LYS B 850 -19.57 0.95 -11.56
C LYS B 850 -18.80 1.41 -12.78
N GLU B 851 -19.02 0.74 -13.93
CA GLU B 851 -18.27 1.11 -15.12
C GLU B 851 -18.45 2.59 -15.45
N PHE B 852 -19.69 3.07 -15.49
CA PHE B 852 -19.91 4.46 -15.86
C PHE B 852 -19.44 5.40 -14.77
N LEU B 853 -19.83 5.13 -13.51
CA LEU B 853 -19.40 5.97 -12.41
C LEU B 853 -17.88 6.13 -12.39
N GLN B 854 -17.15 5.06 -12.65
CA GLN B 854 -15.70 5.17 -12.60
C GLN B 854 -15.14 5.96 -13.78
N GLU B 855 -15.79 5.86 -14.94
CA GLU B 855 -15.36 6.63 -16.11
C GLU B 855 -15.58 8.12 -15.88
N TRP B 856 -16.75 8.48 -15.37
CA TRP B 856 -17.03 9.87 -15.08
C TRP B 856 -16.10 10.39 -13.97
N ASP B 857 -15.90 9.60 -12.90
CA ASP B 857 -15.04 10.05 -11.80
C ASP B 857 -13.59 10.24 -12.24
N ALA B 858 -13.05 9.30 -13.02
CA ALA B 858 -11.66 9.44 -13.44
C ALA B 858 -11.47 10.71 -14.24
N PHE B 859 -12.48 11.09 -15.02
CA PHE B 859 -12.45 12.36 -15.75
C PHE B 859 -12.63 13.54 -14.81
N ILE B 860 -13.69 13.53 -13.99
CA ILE B 860 -14.06 14.75 -13.28
C ILE B 860 -13.13 15.01 -12.09
N LEU B 861 -12.59 13.97 -11.46
CA LEU B 861 -11.72 14.19 -10.31
C LEU B 861 -10.48 14.96 -10.71
N ARG B 862 -10.03 14.80 -11.95
CA ARG B 862 -8.83 15.49 -12.39
C ARG B 862 -9.06 16.99 -12.59
N ARG B 863 -10.31 17.44 -12.66
CA ARG B 863 -10.53 18.88 -12.83
C ARG B 863 -10.69 19.61 -11.50
N HIS B 864 -10.73 18.91 -10.35
CA HIS B 864 -10.70 19.55 -9.03
C HIS B 864 -11.74 20.66 -8.92
N ILE B 865 -12.98 20.34 -9.28
CA ILE B 865 -14.05 21.33 -9.31
C ILE B 865 -14.50 21.64 -7.89
N SER B 866 -14.67 22.92 -7.58
CA SER B 866 -15.40 23.26 -6.38
C SER B 866 -16.55 24.21 -6.65
N SER B 867 -16.69 24.74 -7.85
CA SER B 867 -17.81 25.62 -8.16
C SER B 867 -18.62 25.07 -9.32
N GLU B 868 -19.95 25.14 -9.18
CA GLU B 868 -20.80 24.74 -10.29
C GLU B 868 -20.66 25.66 -11.50
N GLN B 869 -19.99 26.80 -11.34
CA GLN B 869 -19.76 27.69 -12.48
C GLN B 869 -19.02 26.99 -13.62
N TYR B 870 -18.18 26.00 -13.30
CA TYR B 870 -17.33 25.40 -14.33
C TYR B 870 -17.79 24.02 -14.76
N LEU B 871 -18.77 23.44 -14.06
CA LEU B 871 -19.33 22.13 -14.44
C LEU B 871 -19.81 22.04 -15.89
N PRO B 872 -20.56 23.01 -16.44
CA PRO B 872 -21.08 22.80 -17.81
C PRO B 872 -19.97 22.62 -18.84
N ARG B 873 -18.87 23.38 -18.68
CA ARG B 873 -17.72 23.22 -19.58
C ARG B 873 -17.13 21.81 -19.49
N TYR B 874 -16.96 21.28 -18.27
CA TYR B 874 -16.33 19.96 -18.18
C TYR B 874 -17.30 18.86 -18.55
N PHE B 875 -18.59 19.06 -18.26
CA PHE B 875 -19.61 18.14 -18.75
C PHE B 875 -19.54 18.01 -20.26
N LEU B 876 -19.46 19.13 -20.98
CA LEU B 876 -19.45 19.08 -22.43
C LEU B 876 -18.17 18.46 -22.96
N ARG B 877 -17.03 18.76 -22.33
CA ARG B 877 -15.79 18.08 -22.72
C ARG B 877 -15.90 16.58 -22.51
N PHE B 878 -16.56 16.16 -21.42
CA PHE B 878 -16.70 14.74 -21.16
C PHE B 878 -17.53 14.08 -22.26
N VAL B 879 -18.66 14.71 -22.63
CA VAL B 879 -19.53 14.11 -23.63
C VAL B 879 -18.83 14.00 -24.96
N ARG B 880 -17.97 14.97 -25.29
CA ARG B 880 -17.26 14.93 -26.57
C ARG B 880 -16.20 13.86 -26.57
N GLU B 881 -15.37 13.80 -25.52
CA GLU B 881 -14.27 12.84 -25.49
C GLU B 881 -14.77 11.40 -25.37
N LYS B 882 -15.93 11.18 -24.74
CA LYS B 882 -16.42 9.83 -24.48
C LYS B 882 -17.62 9.47 -25.35
N ALA B 883 -17.93 10.31 -26.36
CA ALA B 883 -19.07 10.06 -27.22
C ALA B 883 -19.04 8.65 -27.81
N ASP B 884 -17.94 8.32 -28.49
CA ASP B 884 -17.81 6.98 -29.08
C ASP B 884 -17.99 5.90 -28.02
N TRP B 885 -17.30 6.03 -26.88
CA TRP B 885 -17.45 5.08 -25.78
C TRP B 885 -18.90 5.01 -25.30
N LEU B 886 -19.56 6.15 -25.14
CA LEU B 886 -20.92 6.18 -24.60
C LEU B 886 -21.91 5.45 -25.50
N VAL B 887 -21.82 5.64 -26.82
CA VAL B 887 -22.79 5.01 -27.71
C VAL B 887 -22.45 3.57 -28.07
N SER B 888 -21.25 3.10 -27.72
CA SER B 888 -20.84 1.72 -28.04
C SER B 888 -21.56 0.68 -27.20
N LYS B 889 -22.19 1.07 -26.11
CA LYS B 889 -22.73 0.08 -25.18
C LYS B 889 -23.97 0.68 -24.50
N ARG B 890 -25.06 -0.08 -24.53
CA ARG B 890 -26.36 0.44 -24.12
C ARG B 890 -26.37 0.92 -22.68
N SER B 891 -25.72 0.17 -21.77
CA SER B 891 -25.78 0.57 -20.36
C SER B 891 -25.06 1.89 -20.09
N ARG B 892 -24.04 2.20 -20.88
CA ARG B 892 -23.31 3.45 -20.68
C ARG B 892 -24.18 4.66 -20.96
N GLY B 893 -24.92 4.64 -22.08
CA GLY B 893 -25.87 5.70 -22.33
C GLY B 893 -26.93 5.79 -21.25
N GLU B 894 -27.42 4.65 -20.78
CA GLU B 894 -28.45 4.64 -19.76
C GLU B 894 -27.94 5.28 -18.47
N GLU B 895 -26.75 4.87 -18.02
CA GLU B 895 -26.19 5.42 -16.79
C GLU B 895 -25.88 6.90 -16.95
N PHE B 896 -25.29 7.28 -18.09
CA PHE B 896 -25.04 8.68 -18.39
C PHE B 896 -26.32 9.51 -18.32
N SER B 897 -27.44 8.93 -18.77
CA SER B 897 -28.69 9.67 -18.71
C SER B 897 -29.15 9.86 -17.27
N LYS B 898 -28.82 8.92 -16.38
CA LYS B 898 -29.20 9.08 -14.99
C LYS B 898 -28.39 10.19 -14.33
N LEU B 899 -27.09 10.27 -14.67
CA LEU B 899 -26.29 11.42 -14.24
C LEU B 899 -26.92 12.71 -14.72
N VAL B 900 -27.17 12.80 -16.02
CA VAL B 900 -27.78 13.99 -16.61
C VAL B 900 -29.07 14.32 -15.86
N ALA B 901 -29.89 13.29 -15.59
CA ALA B 901 -31.18 13.52 -14.95
C ALA B 901 -31.00 14.08 -13.55
N THR B 902 -30.04 13.56 -12.80
CA THR B 902 -29.81 14.01 -11.43
C THR B 902 -29.32 15.45 -11.42
N LEU B 903 -28.45 15.82 -12.36
CA LEU B 903 -27.92 17.18 -12.37
C LEU B 903 -28.96 18.17 -12.88
N LEU B 904 -29.81 17.75 -13.82
CA LEU B 904 -30.96 18.56 -14.21
C LEU B 904 -31.88 18.80 -13.02
N ALA B 905 -32.13 17.77 -12.21
CA ALA B 905 -33.06 17.92 -11.10
C ALA B 905 -32.57 18.94 -10.09
N ARG B 906 -31.24 19.07 -9.93
CA ARG B 906 -30.64 20.09 -9.07
C ARG B 906 -30.57 21.45 -9.74
N ARG B 907 -30.94 21.55 -11.02
CA ARG B 907 -30.75 22.76 -11.83
C ARG B 907 -29.30 23.20 -11.85
N VAL B 908 -28.38 22.25 -11.78
CA VAL B 908 -26.96 22.59 -11.85
C VAL B 908 -26.41 22.40 -13.26
N LEU B 909 -27.17 21.78 -14.15
CA LEU B 909 -26.74 21.56 -15.52
C LEU B 909 -27.64 22.36 -16.43
N PRO B 910 -27.14 23.35 -17.18
CA PRO B 910 -28.02 24.17 -18.01
C PRO B 910 -28.69 23.34 -19.10
N GLU B 911 -29.91 23.72 -19.47
CA GLU B 911 -30.63 22.99 -20.50
C GLU B 911 -29.87 22.98 -21.82
N ARG B 912 -29.12 24.05 -22.10
CA ARG B 912 -28.44 24.14 -23.38
C ARG B 912 -27.39 23.03 -23.55
N VAL B 913 -26.75 22.60 -22.46
CA VAL B 913 -25.74 21.56 -22.65
C VAL B 913 -26.38 20.21 -22.87
N VAL B 914 -27.60 19.99 -22.35
CA VAL B 914 -28.31 18.75 -22.68
C VAL B 914 -28.68 18.74 -24.15
N ILE B 915 -29.11 19.88 -24.69
CA ILE B 915 -29.42 19.98 -26.12
C ILE B 915 -28.20 19.62 -26.95
N GLU B 916 -27.09 20.32 -26.70
CA GLU B 916 -25.85 20.04 -27.41
C GLU B 916 -25.40 18.59 -27.23
N ALA B 917 -25.57 18.03 -26.03
CA ALA B 917 -25.16 16.64 -25.83
C ALA B 917 -25.95 15.68 -26.71
N THR B 918 -27.21 15.99 -26.97
CA THR B 918 -28.01 15.21 -27.91
C THR B 918 -27.35 15.17 -29.29
N GLN B 919 -26.87 16.33 -29.76
CA GLN B 919 -26.21 16.37 -31.06
C GLN B 919 -24.94 15.51 -31.06
N VAL B 920 -24.13 15.62 -30.00
CA VAL B 920 -22.87 14.88 -29.94
C VAL B 920 -23.14 13.38 -29.97
N LEU B 921 -24.15 12.93 -29.23
CA LEU B 921 -24.41 11.49 -29.16
C LEU B 921 -25.01 10.98 -30.47
N ASN B 922 -25.94 11.74 -31.07
CA ASN B 922 -26.48 11.35 -32.37
C ASN B 922 -25.38 11.35 -33.43
N ASP B 923 -24.49 12.34 -33.39
CA ASP B 923 -23.33 12.36 -34.27
C ASP B 923 -22.55 11.06 -34.17
N ALA B 924 -22.13 10.71 -32.95
CA ALA B 924 -21.28 9.54 -32.76
C ALA B 924 -22.00 8.26 -33.13
N ARG B 925 -23.28 8.15 -32.78
CA ARG B 925 -24.07 7.00 -33.22
C ARG B 925 -24.14 6.92 -34.73
N GLY B 926 -24.23 8.07 -35.40
CA GLY B 926 -24.13 8.07 -36.85
C GLY B 926 -22.81 7.52 -37.35
N ARG B 927 -21.71 8.02 -36.78
CA ARG B 927 -20.38 7.58 -37.19
C ARG B 927 -20.12 6.12 -36.86
N LEU B 928 -20.92 5.52 -36.00
CA LEU B 928 -20.73 4.12 -35.66
C LEU B 928 -21.43 3.18 -36.63
N ARG B 929 -22.39 3.69 -37.41
CA ARG B 929 -23.07 2.88 -38.41
C ARG B 929 -22.14 2.37 -39.50
N GLU B 930 -20.83 2.59 -39.35
CA GLU B 930 -19.80 1.92 -40.13
C GLU B 930 -19.50 0.51 -39.61
N GLN B 931 -20.53 -0.16 -39.07
CA GLN B 931 -20.42 -1.48 -38.42
C GLN B 931 -19.32 -1.54 -37.38
ZN ZN C . -16.90 38.06 -3.20
ZN ZN D . -13.96 39.12 -5.50
ZN ZN E . -15.40 41.56 -2.93
ZN ZN F . -33.02 27.02 6.66
ZN ZN G . -32.13 30.04 4.37
ZN ZN H . -29.61 27.27 5.39
ZN ZN I . -16.46 15.89 -3.82
ZN ZN J . -35.97 15.34 -31.77
#